data_5E9X
#
_entry.id   5E9X
#
_cell.length_a   81.661
_cell.length_b   81.661
_cell.length_c   226.559
_cell.angle_alpha   90.00
_cell.angle_beta   90.00
_cell.angle_gamma   90.00
#
_symmetry.space_group_name_H-M   'P 43 21 2'
#
loop_
_entity.id
_entity.type
_entity.pdbx_description
1 polymer 'Malate synthase G'
2 non-polymer 'MAGNESIUM ION'
3 non-polymer '2-chloranyl-6~{H}-thieno[2,3-b]pyrrole-5-carboxylic acid'
4 water water
#
_entity_poly.entity_id   1
_entity_poly.type   'polypeptide(L)'
_entity_poly.pdbx_seq_one_letter_code
;MTDRVSVGNLRIARVLYDFVNNEALPGTDIDPDSFWAGVDKVVADLTPQNQALLNARDELQAQIDKWHRRRVIEPIDMDA
YRQFLTEIGYLLPEPDDFTITTSGVDAEITTTAGPQLVVPVLNARFALNAANARWGSLYDALYGTDVIPETDGAEKGPTY
NKVRGDKVIAYARKFLDDSVPLSSGSFGDATGFTVQDGQLVVALPDKSTGLANPGQFAGYTGAAESPTSVLLINHGLHIE
ILIDPESQVGTTDRAGVKDVILESAITTIMDFEDSVAAVDAADKVLGYRNWLGLNKGDLAAAVDKDGTAFLRVLNRDRNY
TAPGGGQFTLPGRSLMFVRNVGHLMTNDAIVDTDGSEVFEGIMDALFTGLIAIHGLKASDVNGPLINSRTGSIYIVKPKM
HGPAEVAFTCELFSRVEDVLGLPQNTMKIGIMDEERRTTVNLKACIKAAADRVVFINTGFLDRTGDEIHTSMEAGPMVRK
GTMKSQPWILAYEDHNVDAGLAAGFSGRAQVGKGMWTMTELMADMVETKIAQPRAGASTAWVPSPTAATLHALHYHQVDV
AAVQQGLAGKRRATIEQLLTIPLAKELAWAPDEIREEVDNNCQSILGYVVRWVDQGVGASKVPDIHDVALMEDRATLRIS
SQLLANWLRHGVITSADVRASLERMAPLVDRQNAGDVAYRPMAPNFDDSIAFLAAQELILSGAQQPNGYTEPILHRRRRE
FKARAAEKPAPSDRAGDDAAR
;
_entity_poly.pdbx_strand_id   A
#
loop_
_chem_comp.id
_chem_comp.type
_chem_comp.name
_chem_comp.formula
5LA non-polymer '2-chloranyl-6~{H}-thieno[2,3-b]pyrrole-5-carboxylic acid' 'C7 H4 Cl N O2 S'
MG non-polymer 'MAGNESIUM ION' 'Mg 2'
#
# COMPACT_ATOMS: atom_id res chain seq x y z
N THR A 2 -28.15 2.96 26.01
CA THR A 2 -27.64 1.80 25.26
C THR A 2 -26.12 1.53 25.36
N ASP A 3 -25.24 2.53 25.15
CA ASP A 3 -25.57 3.92 24.81
C ASP A 3 -25.23 4.24 23.36
N ARG A 4 -26.26 4.58 22.60
CA ARG A 4 -26.11 4.83 21.17
C ARG A 4 -27.05 5.95 20.77
N VAL A 5 -26.93 6.43 19.54
CA VAL A 5 -27.83 7.47 19.07
C VAL A 5 -28.74 6.93 17.98
N SER A 6 -30.05 7.01 18.23
CA SER A 6 -31.04 6.58 17.27
C SER A 6 -31.25 7.59 16.13
N VAL A 7 -31.01 7.14 14.91
CA VAL A 7 -31.34 7.90 13.71
C VAL A 7 -31.92 6.93 12.69
N GLY A 8 -33.24 6.94 12.55
CA GLY A 8 -33.94 5.99 11.72
C GLY A 8 -33.73 4.57 12.22
N ASN A 9 -33.32 3.70 11.30
CA ASN A 9 -33.07 2.30 11.62
C ASN A 9 -31.70 2.08 12.24
N LEU A 10 -30.95 3.17 12.41
CA LEU A 10 -29.59 3.06 12.91
C LEU A 10 -29.45 3.41 14.39
N ARG A 11 -28.52 2.71 15.04
CA ARG A 11 -28.09 2.98 16.41
C ARG A 11 -26.58 3.23 16.40
N ILE A 12 -26.22 4.51 16.47
CA ILE A 12 -24.85 4.96 16.27
C ILE A 12 -24.08 5.06 17.57
N ALA A 13 -22.87 4.50 17.60
CA ALA A 13 -22.03 4.63 18.79
C ALA A 13 -21.77 6.11 19.08
N ARG A 14 -21.93 6.49 20.35
CA ARG A 14 -21.88 7.91 20.73
C ARG A 14 -20.53 8.57 20.40
N VAL A 15 -19.45 7.82 20.59
CA VAL A 15 -18.12 8.33 20.25
C VAL A 15 -18.07 8.73 18.78
N LEU A 16 -18.65 7.91 17.91
CA LEU A 16 -18.71 8.20 16.47
C LEU A 16 -19.66 9.36 16.17
N TYR A 17 -20.87 9.31 16.72
CA TYR A 17 -21.81 10.42 16.57
C TYR A 17 -21.15 11.73 17.00
N ASP A 18 -20.56 11.74 18.19
CA ASP A 18 -19.82 12.92 18.68
C ASP A 18 -18.68 13.38 17.78
N PHE A 19 -17.84 12.44 17.36
CA PHE A 19 -16.72 12.79 16.51
C PHE A 19 -17.21 13.41 15.22
N VAL A 20 -18.19 12.78 14.59
CA VAL A 20 -18.71 13.29 13.33
C VAL A 20 -19.29 14.69 13.41
N ASN A 21 -20.21 14.90 14.36
CA ASN A 21 -20.81 16.21 14.50
C ASN A 21 -19.81 17.26 14.96
N ASN A 22 -19.00 16.95 15.96
CA ASN A 22 -18.17 17.99 16.55
C ASN A 22 -16.87 18.30 15.79
N GLU A 23 -16.27 17.28 15.19
CA GLU A 23 -14.95 17.42 14.56
C GLU A 23 -14.97 17.40 13.01
N ALA A 24 -15.74 16.50 12.43
CA ALA A 24 -15.67 16.29 10.98
C ALA A 24 -16.61 17.18 10.17
N LEU A 25 -17.85 17.32 10.64
CA LEU A 25 -18.85 18.09 9.90
C LEU A 25 -18.61 19.61 9.77
N PRO A 26 -18.16 20.28 10.84
CA PRO A 26 -17.99 21.72 10.68
C PRO A 26 -17.01 22.09 9.59
N GLY A 27 -17.43 22.98 8.69
CA GLY A 27 -16.59 23.44 7.61
C GLY A 27 -17.00 22.87 6.26
N THR A 28 -17.89 21.88 6.29
CA THR A 28 -18.26 21.18 5.06
C THR A 28 -19.55 21.71 4.44
N ASP A 29 -20.29 22.50 5.21
CA ASP A 29 -21.60 23.03 4.81
C ASP A 29 -22.65 21.94 4.59
N ILE A 30 -22.43 20.77 5.18
CA ILE A 30 -23.46 19.75 5.19
C ILE A 30 -24.18 19.80 6.52
N ASP A 31 -25.51 19.93 6.47
CA ASP A 31 -26.32 19.97 7.69
CA ASP A 31 -26.33 19.97 7.69
C ASP A 31 -26.38 18.62 8.38
N PRO A 32 -25.86 18.54 9.60
CA PRO A 32 -25.77 17.30 10.40
C PRO A 32 -26.99 16.38 10.32
N ASP A 33 -28.20 16.89 10.57
CA ASP A 33 -29.37 16.02 10.59
C ASP A 33 -29.64 15.40 9.22
N SER A 34 -29.18 16.09 8.18
CA SER A 34 -29.33 15.61 6.81
C SER A 34 -28.25 14.60 6.46
N PHE A 35 -27.04 14.84 6.95
CA PHE A 35 -25.96 13.87 6.81
C PHE A 35 -26.37 12.52 7.41
N TRP A 36 -26.93 12.57 8.63
CA TRP A 36 -27.30 11.32 9.29
C TRP A 36 -28.50 10.65 8.65
N ALA A 37 -29.34 11.43 7.98
CA ALA A 37 -30.46 10.86 7.26
C ALA A 37 -29.94 10.11 6.05
N GLY A 38 -28.99 10.72 5.34
CA GLY A 38 -28.39 10.11 4.18
C GLY A 38 -27.67 8.82 4.54
N VAL A 39 -27.01 8.81 5.68
CA VAL A 39 -26.34 7.61 6.17
C VAL A 39 -27.34 6.48 6.37
N ASP A 40 -28.45 6.81 7.03
CA ASP A 40 -29.51 5.85 7.29
C ASP A 40 -29.99 5.26 5.98
N LYS A 41 -30.23 6.14 5.01
CA LYS A 41 -30.76 5.77 3.71
C LYS A 41 -29.77 4.92 2.90
N VAL A 42 -28.53 5.37 2.81
CA VAL A 42 -27.48 4.64 2.08
C VAL A 42 -27.31 3.22 2.61
N VAL A 43 -27.25 3.10 3.92
CA VAL A 43 -27.16 1.79 4.57
C VAL A 43 -28.38 0.92 4.33
N ALA A 44 -29.56 1.52 4.41
CA ALA A 44 -30.79 0.76 4.18
C ALA A 44 -30.84 0.25 2.75
N ASP A 45 -30.51 1.12 1.79
CA ASP A 45 -30.61 0.77 0.38
C ASP A 45 -29.48 -0.14 -0.13
N LEU A 46 -28.27 0.04 0.37
CA LEU A 46 -27.13 -0.67 -0.23
C LEU A 46 -26.77 -1.98 0.46
N THR A 47 -27.16 -2.12 1.73
CA THR A 47 -26.93 -3.35 2.47
C THR A 47 -27.40 -4.64 1.77
N PRO A 48 -28.60 -4.64 1.15
CA PRO A 48 -29.03 -5.89 0.51
C PRO A 48 -28.10 -6.37 -0.61
N GLN A 49 -27.67 -5.47 -1.49
CA GLN A 49 -26.81 -5.89 -2.59
CA GLN A 49 -26.78 -5.81 -2.60
C GLN A 49 -25.44 -6.30 -2.09
N ASN A 50 -24.90 -5.57 -1.12
CA ASN A 50 -23.64 -5.92 -0.45
C ASN A 50 -23.70 -7.37 0.01
N GLN A 51 -24.78 -7.71 0.72
CA GLN A 51 -25.00 -9.06 1.21
C GLN A 51 -25.19 -10.06 0.08
N ALA A 52 -25.87 -9.63 -0.98
CA ALA A 52 -26.08 -10.49 -2.14
C ALA A 52 -24.75 -10.89 -2.79
N LEU A 53 -23.81 -9.96 -2.84
CA LEU A 53 -22.49 -10.23 -3.38
C LEU A 53 -21.73 -11.27 -2.56
N LEU A 54 -21.69 -11.07 -1.24
CA LEU A 54 -21.04 -12.00 -0.33
C LEU A 54 -21.61 -13.40 -0.43
N ASN A 55 -22.92 -13.50 -0.62
CA ASN A 55 -23.56 -14.79 -0.83
C ASN A 55 -23.11 -15.42 -2.14
N ALA A 56 -22.99 -14.60 -3.17
CA ALA A 56 -22.58 -15.12 -4.48
C ALA A 56 -21.18 -15.71 -4.42
N ARG A 57 -20.28 -15.03 -3.70
CA ARG A 57 -18.95 -15.58 -3.39
C ARG A 57 -19.04 -16.99 -2.79
N ASP A 58 -19.92 -17.16 -1.80
CA ASP A 58 -20.07 -18.46 -1.15
C ASP A 58 -20.63 -19.54 -2.08
N GLU A 59 -21.53 -19.17 -2.99
CA GLU A 59 -22.17 -20.14 -3.88
C GLU A 59 -21.19 -20.64 -4.92
N LEU A 60 -20.41 -19.73 -5.46
CA LEU A 60 -19.38 -20.08 -6.42
C LEU A 60 -18.35 -21.02 -5.79
N GLN A 61 -17.78 -20.60 -4.66
CA GLN A 61 -16.77 -21.41 -3.99
C GLN A 61 -17.34 -22.78 -3.61
N ALA A 62 -18.61 -22.82 -3.22
CA ALA A 62 -19.25 -24.10 -2.94
C ALA A 62 -19.26 -25.01 -4.18
N GLN A 63 -19.49 -24.42 -5.34
CA GLN A 63 -19.58 -25.19 -6.57
C GLN A 63 -18.20 -25.71 -7.00
N ILE A 64 -17.17 -24.88 -6.83
CA ILE A 64 -15.81 -25.26 -7.14
C ILE A 64 -15.29 -26.35 -6.20
N ASP A 65 -15.57 -26.20 -4.92
CA ASP A 65 -15.24 -27.22 -3.93
C ASP A 65 -15.80 -28.60 -4.32
N LYS A 66 -17.07 -28.63 -4.72
CA LYS A 66 -17.68 -29.89 -5.14
C LYS A 66 -17.09 -30.41 -6.46
N TRP A 67 -16.88 -29.51 -7.42
CA TRP A 67 -16.34 -29.91 -8.72
C TRP A 67 -15.00 -30.64 -8.56
N HIS A 68 -14.11 -30.07 -7.74
CA HIS A 68 -12.81 -30.67 -7.49
C HIS A 68 -12.91 -32.01 -6.77
N ARG A 69 -13.95 -32.20 -5.97
CA ARG A 69 -14.12 -33.45 -5.24
C ARG A 69 -14.48 -34.63 -6.14
N ARG A 70 -14.41 -34.42 -7.46
CA ARG A 70 -14.44 -35.52 -8.43
C ARG A 70 -13.34 -35.32 -9.47
N ARG A 71 -12.28 -36.13 -9.40
CA ARG A 71 -11.20 -36.07 -10.38
C ARG A 71 -10.69 -37.45 -10.78
N PRO A 75 -4.33 -35.92 -13.68
CA PRO A 75 -4.30 -34.49 -14.01
C PRO A 75 -5.70 -33.85 -13.96
N ILE A 76 -5.79 -32.59 -14.37
CA ILE A 76 -7.06 -31.87 -14.45
C ILE A 76 -7.34 -31.47 -15.90
N ASP A 77 -8.54 -31.76 -16.37
CA ASP A 77 -8.95 -31.30 -17.69
C ASP A 77 -9.19 -29.80 -17.62
N MET A 78 -8.29 -29.04 -18.24
CA MET A 78 -8.38 -27.59 -18.26
C MET A 78 -9.51 -27.11 -19.16
N ASP A 79 -9.77 -27.85 -20.23
CA ASP A 79 -10.87 -27.50 -21.11
C ASP A 79 -12.19 -27.54 -20.34
N ALA A 80 -12.40 -28.62 -19.60
CA ALA A 80 -13.65 -28.80 -18.89
C ALA A 80 -13.71 -27.91 -17.65
N TYR A 81 -12.55 -27.66 -17.03
CA TYR A 81 -12.46 -26.75 -15.89
C TYR A 81 -12.83 -25.34 -16.31
N ARG A 82 -12.19 -24.88 -17.39
CA ARG A 82 -12.48 -23.56 -17.93
C ARG A 82 -13.96 -23.37 -18.26
N GLN A 83 -14.54 -24.33 -18.98
CA GLN A 83 -15.95 -24.24 -19.34
C GLN A 83 -16.88 -24.31 -18.12
N PHE A 84 -16.45 -24.98 -17.06
CA PHE A 84 -17.24 -25.03 -15.82
C PHE A 84 -17.31 -23.64 -15.19
N LEU A 85 -16.16 -22.97 -15.12
CA LEU A 85 -16.07 -21.62 -14.57
C LEU A 85 -16.89 -20.64 -15.39
N THR A 86 -17.11 -20.95 -16.66
CA THR A 86 -17.91 -20.08 -17.52
C THR A 86 -19.40 -20.34 -17.30
N GLU A 87 -19.75 -21.61 -17.14
CA GLU A 87 -21.14 -21.98 -16.94
C GLU A 87 -21.67 -21.34 -15.66
N ILE A 88 -20.88 -21.39 -14.60
CA ILE A 88 -21.33 -20.93 -13.30
C ILE A 88 -21.28 -19.41 -13.10
N GLY A 89 -20.66 -18.70 -14.05
CA GLY A 89 -20.61 -17.25 -14.00
C GLY A 89 -19.33 -16.69 -13.39
N TYR A 90 -18.40 -17.57 -13.06
CA TYR A 90 -17.13 -17.15 -12.48
C TYR A 90 -16.26 -16.45 -13.53
N LEU A 91 -16.06 -17.10 -14.69
CA LEU A 91 -15.41 -16.45 -15.84
C LEU A 91 -16.46 -15.73 -16.68
N LEU A 92 -16.30 -14.43 -16.86
CA LEU A 92 -17.23 -13.68 -17.68
C LEU A 92 -16.58 -13.24 -18.98
N PRO A 93 -17.39 -13.04 -20.04
CA PRO A 93 -16.89 -12.56 -21.33
C PRO A 93 -16.06 -11.26 -21.26
N GLU A 94 -14.95 -11.25 -21.99
CA GLU A 94 -14.09 -10.08 -22.05
C GLU A 94 -14.72 -9.05 -22.96
N PRO A 95 -15.09 -7.88 -22.41
CA PRO A 95 -15.72 -6.81 -23.20
C PRO A 95 -14.80 -6.31 -24.31
N ASP A 96 -15.36 -5.52 -25.22
CA ASP A 96 -14.59 -4.88 -26.27
C ASP A 96 -13.63 -3.84 -25.70
N ASP A 97 -12.63 -3.46 -26.49
CA ASP A 97 -11.64 -2.48 -26.07
C ASP A 97 -12.28 -1.14 -25.78
N PHE A 98 -11.69 -0.40 -24.85
CA PHE A 98 -12.18 0.91 -24.43
C PHE A 98 -11.04 1.71 -23.79
N THR A 99 -11.30 2.99 -23.54
CA THR A 99 -10.35 3.85 -22.85
C THR A 99 -11.06 4.47 -21.66
N ILE A 100 -10.39 4.52 -20.50
CA ILE A 100 -11.02 5.12 -19.32
C ILE A 100 -11.23 6.62 -19.54
N THR A 101 -12.30 7.17 -18.97
CA THR A 101 -12.65 8.58 -19.17
C THR A 101 -12.48 9.40 -17.91
N THR A 102 -11.84 8.82 -16.89
CA THR A 102 -11.65 9.48 -15.61
C THR A 102 -11.02 10.88 -15.76
N SER A 103 -11.62 11.88 -15.10
CA SER A 103 -11.15 13.26 -15.21
C SER A 103 -10.98 13.87 -13.82
N GLY A 104 -10.32 15.04 -13.75
CA GLY A 104 -10.06 15.70 -12.49
C GLY A 104 -9.03 15.01 -11.63
N VAL A 105 -8.06 14.36 -12.28
CA VAL A 105 -7.04 13.58 -11.59
C VAL A 105 -5.75 14.39 -11.44
N ASP A 106 -5.09 14.27 -10.28
CA ASP A 106 -3.90 15.05 -9.98
C ASP A 106 -2.69 14.65 -10.84
N ALA A 107 -1.69 15.52 -10.84
CA ALA A 107 -0.50 15.30 -11.66
C ALA A 107 0.29 14.09 -11.19
N GLU A 108 0.41 13.93 -9.87
CA GLU A 108 1.08 12.79 -9.27
C GLU A 108 0.69 11.41 -9.83
N ILE A 109 -0.50 11.32 -10.42
CA ILE A 109 -1.07 10.06 -10.87
C ILE A 109 -1.08 9.96 -12.39
N THR A 110 -1.51 11.06 -13.02
CA THR A 110 -1.62 11.12 -14.47
C THR A 110 -0.27 10.98 -15.16
N THR A 111 0.66 11.85 -14.85
CA THR A 111 1.91 11.91 -15.58
C THR A 111 3.11 11.24 -14.90
N THR A 112 3.40 11.62 -13.65
CA THR A 112 4.63 11.16 -13.00
C THR A 112 4.61 9.69 -12.55
N ALA A 113 5.81 9.11 -12.54
CA ALA A 113 6.02 7.75 -12.05
C ALA A 113 6.94 7.84 -10.83
N GLY A 114 6.66 7.06 -9.80
CA GLY A 114 7.47 7.11 -8.61
C GLY A 114 6.97 6.21 -7.51
N PRO A 115 7.79 6.03 -6.47
CA PRO A 115 7.48 5.21 -5.28
C PRO A 115 6.16 5.65 -4.59
N GLN A 116 5.44 4.70 -4.02
CA GLN A 116 4.20 4.97 -3.29
C GLN A 116 4.28 4.34 -1.91
N LEU A 117 4.09 5.16 -0.89
CA LEU A 117 4.26 4.73 0.49
C LEU A 117 2.92 4.24 1.03
N VAL A 118 2.96 3.27 1.95
CA VAL A 118 1.75 2.83 2.66
C VAL A 118 1.96 2.87 4.17
N VAL A 119 1.00 3.44 4.91
CA VAL A 119 1.20 3.62 6.35
C VAL A 119 -0.12 3.36 7.07
N PRO A 120 -0.06 2.76 8.27
CA PRO A 120 -1.31 2.58 9.02
C PRO A 120 -1.79 3.92 9.55
N VAL A 121 -3.02 4.29 9.22
CA VAL A 121 -3.53 5.61 9.55
C VAL A 121 -3.69 5.81 11.07
N LEU A 122 -3.77 4.71 11.82
CA LEU A 122 -3.92 4.78 13.28
C LEU A 122 -2.66 5.25 14.01
N ASN A 123 -1.54 5.27 13.29
CA ASN A 123 -0.29 5.80 13.83
C ASN A 123 0.02 7.18 13.28
N ALA A 124 -0.22 8.21 14.07
CA ALA A 124 -0.05 9.58 13.60
C ALA A 124 1.38 9.88 13.12
N ARG A 125 2.37 9.42 13.89
CA ARG A 125 3.75 9.82 13.60
C ARG A 125 4.27 9.10 12.36
N PHE A 126 3.85 7.85 12.17
CA PHE A 126 4.12 7.16 10.91
C PHE A 126 3.38 7.82 9.76
N ALA A 127 2.14 8.24 10.01
CA ALA A 127 1.36 8.91 8.98
C ALA A 127 1.96 10.26 8.62
N LEU A 128 2.42 10.99 9.64
CA LEU A 128 3.05 12.29 9.44
C LEU A 128 4.36 12.15 8.66
N ASN A 129 5.16 11.18 9.06
CA ASN A 129 6.42 10.90 8.38
C ASN A 129 6.20 10.62 6.90
N ALA A 130 5.21 9.78 6.60
CA ALA A 130 4.89 9.43 5.22
C ALA A 130 4.50 10.65 4.39
N ALA A 131 3.70 11.55 4.95
CA ALA A 131 3.27 12.75 4.23
C ALA A 131 4.45 13.66 3.89
N ASN A 132 5.35 13.82 4.85
CA ASN A 132 6.54 14.66 4.69
C ASN A 132 7.62 13.96 3.85
N ALA A 133 7.39 12.68 3.57
CA ALA A 133 8.37 11.90 2.83
C ALA A 133 8.39 12.17 1.32
N ARG A 134 7.63 13.15 0.86
CA ARG A 134 7.64 13.55 -0.55
C ARG A 134 9.04 14.00 -0.97
N TRP A 135 9.78 14.55 -0.03
CA TRP A 135 11.16 14.98 -0.27
C TRP A 135 12.03 14.35 0.81
N GLY A 136 13.14 13.75 0.41
CA GLY A 136 14.04 13.10 1.34
C GLY A 136 15.51 13.19 0.93
N SER A 137 16.39 13.15 1.92
CA SER A 137 17.82 13.28 1.70
C SER A 137 18.39 11.96 1.19
N LEU A 138 19.10 12.04 0.08
CA LEU A 138 19.78 10.87 -0.45
C LEU A 138 21.03 10.55 0.37
N TYR A 139 21.66 11.57 0.92
CA TYR A 139 22.86 11.36 1.72
C TYR A 139 22.53 10.55 2.95
N ASP A 140 21.47 10.95 3.64
CA ASP A 140 21.03 10.25 4.84
C ASP A 140 20.62 8.83 4.54
N ALA A 141 19.95 8.64 3.40
CA ALA A 141 19.53 7.31 2.98
C ALA A 141 20.75 6.43 2.68
N LEU A 142 21.70 6.97 1.92
CA LEU A 142 22.90 6.22 1.56
C LEU A 142 23.74 5.93 2.79
N TYR A 143 23.92 6.95 3.63
CA TYR A 143 24.76 6.81 4.82
C TYR A 143 24.19 5.84 5.83
N GLY A 144 22.89 5.91 6.05
CA GLY A 144 22.27 5.14 7.13
C GLY A 144 21.97 3.69 6.80
N THR A 145 21.92 3.37 5.51
CA THR A 145 21.59 2.01 5.10
C THR A 145 22.81 1.24 4.61
N ASP A 146 22.57 0.04 4.09
CA ASP A 146 23.65 -0.83 3.62
C ASP A 146 23.84 -0.73 2.11
N VAL A 147 23.35 0.36 1.52
CA VAL A 147 23.61 0.63 0.12
C VAL A 147 25.10 0.93 -0.02
N ILE A 148 25.64 1.62 0.99
CA ILE A 148 27.08 1.81 1.08
C ILE A 148 27.60 0.84 2.11
N PRO A 149 28.38 -0.15 1.66
CA PRO A 149 28.92 -1.20 2.53
C PRO A 149 29.88 -0.63 3.55
N GLU A 150 30.08 -1.35 4.64
CA GLU A 150 30.96 -0.90 5.71
C GLU A 150 32.42 -1.34 5.52
N THR A 151 32.83 -1.50 4.27
CA THR A 151 34.19 -1.98 3.96
C THR A 151 34.82 -1.38 2.70
N ASP A 152 35.92 -0.64 2.85
CA ASP A 152 36.52 -0.28 4.15
C ASP A 152 37.28 1.04 3.97
N GLY A 153 37.41 1.83 5.04
CA GLY A 153 36.81 1.54 6.33
C GLY A 153 35.61 2.44 6.56
N ALA A 154 34.47 2.04 6.02
CA ALA A 154 33.27 2.85 6.07
C ALA A 154 32.27 2.32 7.09
N GLU A 155 32.77 1.70 8.16
CA GLU A 155 31.91 1.12 9.19
C GLU A 155 31.16 2.20 9.96
N LYS A 156 29.87 1.96 10.20
CA LYS A 156 29.06 2.89 10.95
C LYS A 156 29.27 2.71 12.45
N GLY A 157 29.13 3.82 13.18
CA GLY A 157 29.24 3.79 14.63
C GLY A 157 28.63 5.05 15.19
N PRO A 158 28.86 5.33 16.48
CA PRO A 158 28.40 6.61 17.05
C PRO A 158 28.95 7.80 16.29
N THR A 159 30.28 7.93 16.18
CA THR A 159 30.89 9.05 15.48
C THR A 159 30.55 9.05 13.99
N TYR A 160 30.72 10.20 13.35
CA TYR A 160 30.56 10.31 11.90
C TYR A 160 31.82 9.83 11.20
N ASN A 161 31.71 8.69 10.54
CA ASN A 161 32.81 8.15 9.75
C ASN A 161 32.98 8.95 8.45
N LYS A 162 33.99 9.82 8.42
CA LYS A 162 34.24 10.68 7.27
C LYS A 162 34.56 9.86 6.01
N VAL A 163 35.13 8.67 6.20
CA VAL A 163 35.41 7.78 5.07
C VAL A 163 34.09 7.38 4.39
N ARG A 164 33.12 6.98 5.20
CA ARG A 164 31.81 6.61 4.70
C ARG A 164 31.15 7.78 3.95
N GLY A 165 31.28 8.97 4.50
CA GLY A 165 30.69 10.16 3.91
C GLY A 165 31.17 10.45 2.49
N ASP A 166 32.45 10.19 2.25
CA ASP A 166 33.03 10.37 0.92
C ASP A 166 32.43 9.40 -0.08
N LYS A 167 32.19 8.17 0.37
CA LYS A 167 31.52 7.15 -0.44
C LYS A 167 30.10 7.61 -0.81
N VAL A 168 29.39 8.15 0.16
CA VAL A 168 28.06 8.70 -0.08
C VAL A 168 28.12 9.81 -1.13
N ILE A 169 29.05 10.73 -0.95
CA ILE A 169 29.17 11.87 -1.87
C ILE A 169 29.44 11.40 -3.29
N ALA A 170 30.39 10.49 -3.45
CA ALA A 170 30.74 9.97 -4.77
C ALA A 170 29.57 9.24 -5.42
N TYR A 171 28.85 8.45 -4.62
CA TYR A 171 27.63 7.77 -5.06
C TYR A 171 26.65 8.77 -5.66
N ALA A 172 26.35 9.84 -4.91
CA ALA A 172 25.41 10.87 -5.36
C ALA A 172 25.87 11.61 -6.62
N ARG A 173 27.16 11.90 -6.71
CA ARG A 173 27.74 12.50 -7.91
C ARG A 173 27.49 11.66 -9.17
N LYS A 174 27.68 10.35 -9.04
CA LYS A 174 27.45 9.44 -10.16
C LYS A 174 25.97 9.46 -10.58
N PHE A 175 25.08 9.40 -9.61
CA PHE A 175 23.65 9.46 -9.90
C PHE A 175 23.32 10.69 -10.76
N LEU A 176 23.91 11.82 -10.40
CA LEU A 176 23.72 13.05 -11.15
C LEU A 176 24.18 12.92 -12.59
N ASP A 177 25.35 12.31 -12.79
CA ASP A 177 25.84 12.07 -14.13
C ASP A 177 24.83 11.24 -14.91
N ASP A 178 24.29 10.23 -14.24
CA ASP A 178 23.37 9.30 -14.90
C ASP A 178 22.02 9.93 -15.23
N SER A 179 21.58 10.88 -14.41
CA SER A 179 20.22 11.36 -14.52
C SER A 179 20.08 12.74 -15.18
N VAL A 180 21.02 13.63 -14.89
CA VAL A 180 21.02 14.96 -15.52
C VAL A 180 22.43 15.22 -16.05
N PRO A 181 22.79 14.60 -17.21
CA PRO A 181 24.17 14.66 -17.70
C PRO A 181 24.61 16.04 -18.17
N LEU A 182 25.91 16.32 -18.03
CA LEU A 182 26.48 17.56 -18.54
C LEU A 182 26.92 17.35 -19.97
N SER A 183 26.91 18.44 -20.75
CA SER A 183 27.35 18.38 -22.14
C SER A 183 28.82 17.95 -22.24
N SER A 184 29.58 18.21 -21.17
CA SER A 184 30.96 17.73 -21.07
C SER A 184 31.43 17.70 -19.63
N GLY A 185 32.12 16.63 -19.26
CA GLY A 185 32.60 16.46 -17.91
C GLY A 185 31.56 15.84 -17.01
N SER A 186 31.86 15.79 -15.72
CA SER A 186 30.95 15.18 -14.77
C SER A 186 30.82 16.03 -13.53
N PHE A 187 29.64 15.96 -12.91
CA PHE A 187 29.36 16.63 -11.65
C PHE A 187 30.43 16.42 -10.59
N GLY A 188 31.15 15.30 -10.67
CA GLY A 188 32.17 14.97 -9.70
C GLY A 188 33.35 15.91 -9.69
N ASP A 189 33.53 16.67 -10.78
CA ASP A 189 34.63 17.61 -10.87
C ASP A 189 34.17 19.06 -10.75
N ALA A 190 32.87 19.26 -10.57
CA ALA A 190 32.28 20.58 -10.46
C ALA A 190 32.92 21.37 -9.34
N THR A 191 33.06 22.69 -9.56
CA THR A 191 33.61 23.57 -8.53
C THR A 191 32.54 24.57 -8.09
N GLY A 192 31.58 24.81 -8.97
CA GLY A 192 30.46 25.70 -8.66
C GLY A 192 29.35 25.65 -9.69
N PHE A 193 28.22 26.26 -9.33
CA PHE A 193 27.07 26.35 -10.21
C PHE A 193 26.62 27.81 -10.29
N THR A 194 26.33 28.27 -11.50
CA THR A 194 25.77 29.62 -11.69
C THR A 194 24.55 29.59 -12.61
N VAL A 195 23.80 30.68 -12.65
CA VAL A 195 22.62 30.78 -13.49
C VAL A 195 22.72 31.98 -14.42
N GLN A 196 22.97 31.72 -15.69
CA GLN A 196 23.11 32.78 -16.68
C GLN A 196 22.07 32.65 -17.79
N ASP A 197 21.24 33.69 -17.93
CA ASP A 197 20.22 33.75 -18.99
C ASP A 197 19.23 32.60 -18.93
N GLY A 198 18.76 32.28 -17.73
CA GLY A 198 17.79 31.22 -17.54
C GLY A 198 18.34 29.85 -17.87
N GLN A 199 19.66 29.71 -17.81
CA GLN A 199 20.33 28.43 -18.05
C GLN A 199 21.24 28.11 -16.88
N LEU A 200 21.26 26.84 -16.45
CA LEU A 200 22.22 26.41 -15.45
C LEU A 200 23.59 26.28 -16.10
N VAL A 201 24.62 26.79 -15.43
CA VAL A 201 25.99 26.68 -15.93
C VAL A 201 26.91 26.12 -14.85
N VAL A 202 27.60 25.03 -15.18
CA VAL A 202 28.36 24.29 -14.17
C VAL A 202 29.87 24.53 -14.31
N ALA A 203 30.49 24.96 -13.21
CA ALA A 203 31.91 25.30 -13.21
C ALA A 203 32.82 24.06 -13.06
N LEU A 204 33.67 23.86 -14.06
CA LEU A 204 34.63 22.76 -14.07
C LEU A 204 36.02 23.27 -13.67
N PRO A 205 36.98 22.37 -13.45
CA PRO A 205 38.31 22.92 -13.16
C PRO A 205 38.93 23.51 -14.42
N ASP A 206 38.71 22.84 -15.54
CA ASP A 206 39.19 23.32 -16.84
C ASP A 206 38.38 24.53 -17.28
N LYS A 207 37.16 24.26 -17.74
CA LYS A 207 36.28 25.31 -18.25
C LYS A 207 34.92 25.28 -17.56
N SER A 208 33.86 25.36 -18.36
CA SER A 208 32.50 25.28 -17.85
C SER A 208 31.59 24.66 -18.90
N THR A 209 30.42 24.17 -18.46
CA THR A 209 29.45 23.54 -19.35
C THR A 209 28.03 23.84 -18.92
N GLY A 210 27.08 23.46 -19.77
CA GLY A 210 25.67 23.54 -19.43
C GLY A 210 25.09 22.14 -19.37
N LEU A 211 23.80 22.03 -19.11
CA LEU A 211 23.17 20.72 -19.12
C LEU A 211 23.15 20.19 -20.55
N ALA A 212 23.38 18.89 -20.71
CA ALA A 212 23.27 18.25 -22.00
C ALA A 212 21.85 18.49 -22.53
N ASN A 213 20.90 18.57 -21.60
CA ASN A 213 19.59 19.10 -21.90
C ASN A 213 19.22 20.18 -20.89
N PRO A 214 19.33 21.45 -21.29
CA PRO A 214 19.04 22.61 -20.45
C PRO A 214 17.61 22.57 -19.89
N GLY A 215 16.72 21.88 -20.58
CA GLY A 215 15.34 21.74 -20.15
C GLY A 215 15.17 20.97 -18.86
N GLN A 216 16.25 20.34 -18.39
CA GLN A 216 16.22 19.59 -17.14
C GLN A 216 16.47 20.48 -15.93
N PHE A 217 16.85 21.73 -16.20
CA PHE A 217 17.00 22.74 -15.17
C PHE A 217 15.62 23.26 -14.77
N ALA A 218 15.22 22.99 -13.53
CA ALA A 218 13.85 23.28 -13.09
C ALA A 218 13.73 24.62 -12.40
N GLY A 219 14.69 24.93 -11.54
CA GLY A 219 14.67 26.20 -10.82
C GLY A 219 15.89 26.32 -9.93
N TYR A 220 15.81 27.21 -8.94
CA TYR A 220 16.91 27.44 -8.01
C TYR A 220 16.46 28.32 -6.85
N THR A 221 17.34 28.47 -5.87
CA THR A 221 17.09 29.41 -4.78
C THR A 221 18.30 30.29 -4.56
N GLY A 222 18.07 31.50 -4.06
CA GLY A 222 19.13 32.46 -3.84
C GLY A 222 19.51 33.22 -5.09
N ALA A 223 20.62 33.94 -5.03
CA ALA A 223 21.06 34.76 -6.16
C ALA A 223 21.50 33.87 -7.29
N ALA A 224 21.20 34.26 -8.52
CA ALA A 224 21.59 33.50 -9.71
C ALA A 224 23.10 33.34 -9.81
N GLU A 225 23.82 34.30 -9.24
CA GLU A 225 25.27 34.31 -9.31
C GLU A 225 25.91 33.32 -8.33
N SER A 226 25.24 33.11 -7.19
CA SER A 226 25.71 32.15 -6.19
C SER A 226 24.56 31.43 -5.48
N PRO A 227 23.83 30.58 -6.20
CA PRO A 227 22.61 29.91 -5.72
C PRO A 227 22.80 29.18 -4.40
N THR A 228 21.78 29.18 -3.54
CA THR A 228 21.83 28.42 -2.30
C THR A 228 21.43 26.97 -2.58
N SER A 229 20.74 26.77 -3.70
CA SER A 229 20.41 25.43 -4.15
C SER A 229 20.08 25.42 -5.65
N VAL A 230 20.15 24.25 -6.25
CA VAL A 230 19.74 24.08 -7.64
C VAL A 230 18.70 22.97 -7.74
N LEU A 231 17.71 23.17 -8.60
CA LEU A 231 16.60 22.25 -8.72
C LEU A 231 16.58 21.66 -10.12
N LEU A 232 16.68 20.33 -10.19
CA LEU A 232 16.70 19.64 -11.47
C LEU A 232 15.45 18.77 -11.62
N ILE A 233 15.11 18.42 -12.85
CA ILE A 233 14.01 17.50 -13.11
C ILE A 233 14.40 16.39 -14.09
N ASN A 234 13.98 15.16 -13.78
CA ASN A 234 14.23 14.04 -14.66
C ASN A 234 13.12 13.00 -14.53
N HIS A 235 12.57 12.57 -15.67
CA HIS A 235 11.46 11.63 -15.71
C HIS A 235 10.31 12.07 -14.79
N GLY A 236 10.07 13.38 -14.75
CA GLY A 236 9.01 13.95 -13.95
C GLY A 236 9.37 14.15 -12.50
N LEU A 237 10.49 13.57 -12.04
CA LEU A 237 10.86 13.71 -10.63
C LEU A 237 11.92 14.78 -10.41
N HIS A 238 11.81 15.53 -9.31
CA HIS A 238 12.74 16.62 -9.04
C HIS A 238 13.97 16.18 -8.24
N ILE A 239 15.08 16.85 -8.52
CA ILE A 239 16.33 16.65 -7.80
C ILE A 239 16.84 18.00 -7.31
N GLU A 240 17.21 18.08 -6.04
CA GLU A 240 17.71 19.34 -5.51
C GLU A 240 19.16 19.23 -5.02
N ILE A 241 20.01 20.07 -5.57
CA ILE A 241 21.37 20.19 -5.07
C ILE A 241 21.42 21.32 -4.05
N LEU A 242 21.53 20.96 -2.77
CA LEU A 242 21.72 21.96 -1.73
C LEU A 242 23.18 22.38 -1.71
N ILE A 243 23.42 23.69 -1.88
CA ILE A 243 24.77 24.22 -1.92
C ILE A 243 25.03 25.13 -0.73
N ASP A 244 26.07 24.81 0.05
CA ASP A 244 26.42 25.57 1.23
C ASP A 244 27.84 25.24 1.68
N PRO A 245 28.82 26.04 1.22
CA PRO A 245 30.25 25.82 1.50
C PRO A 245 30.58 25.96 2.98
N GLU A 246 29.74 26.63 3.74
CA GLU A 246 29.99 26.81 5.18
C GLU A 246 29.51 25.60 5.97
N SER A 247 28.82 24.68 5.31
CA SER A 247 28.31 23.48 5.97
C SER A 247 29.45 22.56 6.35
N GLN A 248 29.22 21.70 7.34
CA GLN A 248 30.21 20.70 7.73
C GLN A 248 30.63 19.85 6.52
N VAL A 249 29.65 19.26 5.86
CA VAL A 249 29.87 18.47 4.67
C VAL A 249 30.31 19.35 3.50
N GLY A 250 29.77 20.58 3.45
CA GLY A 250 30.07 21.53 2.40
C GLY A 250 31.53 21.97 2.35
N THR A 251 32.16 22.16 3.49
CA THR A 251 33.54 22.62 3.55
C THR A 251 34.49 21.65 2.87
N THR A 252 34.13 20.37 2.89
CA THR A 252 34.98 19.34 2.33
C THR A 252 34.61 18.99 0.89
N ASP A 253 33.43 19.43 0.45
CA ASP A 253 32.98 19.16 -0.91
C ASP A 253 33.59 20.14 -1.91
N ARG A 254 34.09 19.59 -3.01
CA ARG A 254 34.77 20.37 -4.07
C ARG A 254 33.96 21.59 -4.50
N ALA A 255 32.65 21.42 -4.59
CA ALA A 255 31.79 22.49 -5.08
C ALA A 255 30.88 23.06 -4.00
N GLY A 256 31.20 22.77 -2.73
CA GLY A 256 30.46 23.32 -1.61
C GLY A 256 29.08 22.71 -1.38
N VAL A 257 28.84 21.55 -1.96
CA VAL A 257 27.53 20.89 -1.87
C VAL A 257 27.29 20.23 -0.51
N LYS A 258 26.12 20.50 0.07
CA LYS A 258 25.75 19.98 1.37
C LYS A 258 25.00 18.65 1.30
N ASP A 259 24.13 18.51 0.31
CA ASP A 259 23.25 17.35 0.20
C ASP A 259 22.59 17.28 -1.17
N VAL A 260 21.98 16.14 -1.46
CA VAL A 260 21.16 15.97 -2.65
C VAL A 260 19.80 15.44 -2.19
N ILE A 261 18.74 16.15 -2.58
CA ILE A 261 17.40 15.84 -2.09
C ILE A 261 16.59 15.27 -3.23
N LEU A 262 15.93 14.14 -3.00
CA LEU A 262 15.17 13.50 -4.06
C LEU A 262 13.67 13.60 -3.78
N GLU A 263 12.91 13.89 -4.83
CA GLU A 263 11.48 13.72 -4.76
C GLU A 263 11.24 12.20 -4.68
N SER A 264 10.66 11.74 -3.57
CA SER A 264 10.56 10.32 -3.26
C SER A 264 9.10 9.80 -3.28
N ALA A 265 8.46 9.81 -2.10
CA ALA A 265 7.10 9.35 -1.95
C ALA A 265 6.12 10.34 -2.59
N ILE A 266 5.85 10.13 -3.86
CA ILE A 266 4.99 11.04 -4.62
C ILE A 266 3.55 10.96 -4.13
N THR A 267 3.11 9.75 -3.81
CA THR A 267 1.77 9.51 -3.30
C THR A 267 1.85 8.53 -2.14
N THR A 268 0.94 8.69 -1.18
CA THR A 268 0.90 7.84 0.00
C THR A 268 -0.52 7.30 0.18
N ILE A 269 -0.61 6.03 0.58
CA ILE A 269 -1.88 5.45 0.95
C ILE A 269 -2.02 5.34 2.47
N MET A 270 -2.85 6.23 3.03
CA MET A 270 -3.20 6.12 4.44
C MET A 270 -4.17 4.95 4.54
N ASP A 271 -3.84 3.98 5.37
CA ASP A 271 -4.51 2.69 5.33
C ASP A 271 -5.44 2.46 6.51
N PHE A 272 -6.71 2.16 6.21
CA PHE A 272 -7.68 1.74 7.22
C PHE A 272 -7.89 0.23 7.24
N GLU A 273 -7.22 -0.48 6.33
CA GLU A 273 -7.48 -1.92 6.19
C GLU A 273 -6.36 -2.78 6.78
N ASP A 274 -5.62 -3.51 5.94
CA ASP A 274 -4.79 -4.61 6.45
C ASP A 274 -3.59 -4.22 7.32
N SER A 275 -3.17 -2.95 7.31
CA SER A 275 -2.11 -2.56 8.25
C SER A 275 -2.57 -2.09 9.63
N VAL A 276 -3.88 -2.03 9.85
CA VAL A 276 -4.38 -1.54 11.15
C VAL A 276 -5.27 -2.55 11.87
N ALA A 277 -5.24 -2.47 13.19
CA ALA A 277 -6.07 -3.31 14.01
C ALA A 277 -7.16 -2.42 14.59
N ALA A 278 -8.38 -2.58 14.08
CA ALA A 278 -9.49 -1.69 14.41
C ALA A 278 -10.81 -2.45 14.42
N VAL A 279 -11.24 -2.84 15.62
CA VAL A 279 -12.29 -3.84 15.76
C VAL A 279 -13.56 -3.29 16.43
N ASP A 280 -13.60 -1.99 16.72
CA ASP A 280 -14.79 -1.42 17.33
C ASP A 280 -14.91 0.07 17.05
N ALA A 281 -15.90 0.71 17.68
CA ALA A 281 -16.15 2.12 17.42
C ALA A 281 -14.96 2.98 17.81
N ALA A 282 -14.37 2.70 18.98
CA ALA A 282 -13.25 3.51 19.48
C ALA A 282 -12.05 3.51 18.51
N ASP A 283 -11.71 2.32 18.03
CA ASP A 283 -10.61 2.20 17.05
C ASP A 283 -10.90 2.97 15.75
N LYS A 284 -12.11 2.85 15.21
CA LYS A 284 -12.46 3.55 13.99
C LYS A 284 -12.30 5.06 14.13
N VAL A 285 -12.74 5.60 15.27
CA VAL A 285 -12.64 7.04 15.51
C VAL A 285 -11.18 7.55 15.60
N LEU A 286 -10.33 6.84 16.33
CA LEU A 286 -8.91 7.16 16.36
C LEU A 286 -8.37 7.28 14.93
N GLY A 287 -8.78 6.35 14.08
CA GLY A 287 -8.42 6.35 12.67
C GLY A 287 -9.03 7.50 11.89
N TYR A 288 -10.32 7.75 12.08
CA TYR A 288 -10.94 8.84 11.35
C TYR A 288 -10.32 10.18 11.77
N ARG A 289 -9.93 10.28 13.04
CA ARG A 289 -9.43 11.53 13.60
C ARG A 289 -8.07 11.90 13.04
N ASN A 290 -7.26 10.90 12.73
CA ASN A 290 -5.98 11.19 12.09
C ASN A 290 -6.17 11.57 10.64
N TRP A 291 -7.10 10.88 9.99
CA TRP A 291 -7.41 11.16 8.59
C TRP A 291 -7.92 12.60 8.49
N LEU A 292 -8.69 13.00 9.50
CA LEU A 292 -9.15 14.39 9.64
C LEU A 292 -8.00 15.38 9.75
N GLY A 293 -7.09 15.13 10.68
CA GLY A 293 -5.95 15.99 10.87
C GLY A 293 -5.07 16.11 9.64
N LEU A 294 -4.88 15.02 8.91
CA LEU A 294 -4.07 15.02 7.69
C LEU A 294 -4.71 15.89 6.62
N ASN A 295 -6.04 15.79 6.53
CA ASN A 295 -6.76 16.54 5.50
C ASN A 295 -6.88 18.03 5.86
N LYS A 296 -7.10 18.32 7.15
CA LYS A 296 -7.05 19.70 7.61
C LYS A 296 -5.67 20.27 7.35
N GLY A 297 -4.66 19.46 7.65
CA GLY A 297 -3.28 19.86 7.48
C GLY A 297 -2.73 20.38 8.78
N ASP A 298 -3.41 20.06 9.88
CA ASP A 298 -3.03 20.57 11.18
C ASP A 298 -2.58 19.45 12.12
N LEU A 299 -2.58 18.22 11.61
CA LEU A 299 -2.05 17.09 12.36
C LEU A 299 -0.61 17.35 12.76
N ALA A 300 -0.25 16.94 13.96
CA ALA A 300 1.11 17.04 14.49
C ALA A 300 1.18 16.23 15.76
N ALA A 301 2.25 15.45 15.92
CA ALA A 301 2.40 14.57 17.07
C ALA A 301 3.69 14.81 17.86
N ALA A 302 3.71 14.35 19.11
CA ALA A 302 4.79 14.64 20.04
C ALA A 302 5.93 13.61 20.00
N VAL A 303 7.00 13.96 19.30
CA VAL A 303 8.16 13.09 19.20
C VAL A 303 9.00 13.11 20.47
N ARG A 312 6.74 15.83 14.10
CA ARG A 312 6.10 17.05 14.54
C ARG A 312 5.80 17.98 13.36
N VAL A 313 4.51 18.14 13.06
CA VAL A 313 4.02 19.10 12.06
C VAL A 313 4.23 18.67 10.60
N LEU A 314 3.18 18.83 9.79
CA LEU A 314 3.24 18.61 8.37
C LEU A 314 4.08 19.66 7.68
N ASN A 315 5.00 19.24 6.81
CA ASN A 315 5.80 20.20 6.07
C ASN A 315 4.92 21.01 5.13
N ARG A 316 5.18 22.31 5.06
CA ARG A 316 4.50 23.15 4.10
C ARG A 316 5.16 23.00 2.73
N ASP A 317 4.64 23.69 1.71
CA ASP A 317 5.17 23.52 0.37
C ASP A 317 6.52 24.17 0.19
N ARG A 318 7.21 23.81 -0.89
CA ARG A 318 8.54 24.32 -1.17
C ARG A 318 8.48 25.41 -2.24
N ASN A 319 9.09 26.56 -1.94
CA ASN A 319 9.14 27.68 -2.88
C ASN A 319 10.48 27.76 -3.60
N TYR A 320 10.42 27.96 -4.92
CA TYR A 320 11.62 28.08 -5.74
C TYR A 320 11.51 29.26 -6.69
N THR A 321 12.61 29.55 -7.37
CA THR A 321 12.62 30.58 -8.40
C THR A 321 12.71 29.90 -9.77
N ALA A 322 11.77 30.21 -10.64
CA ALA A 322 11.79 29.68 -12.00
C ALA A 322 13.06 30.15 -12.71
N PRO A 323 13.54 29.37 -13.72
CA PRO A 323 14.77 29.68 -14.46
C PRO A 323 14.89 31.14 -14.88
N GLY A 324 13.89 31.67 -15.58
CA GLY A 324 13.95 33.07 -15.99
C GLY A 324 12.78 33.90 -15.49
N GLY A 325 12.16 33.47 -14.40
CA GLY A 325 10.93 34.09 -13.96
C GLY A 325 10.79 34.35 -12.49
N GLY A 326 9.54 34.53 -12.04
CA GLY A 326 9.24 34.85 -10.66
C GLY A 326 9.27 33.60 -9.79
N GLN A 327 8.46 33.60 -8.75
CA GLN A 327 8.44 32.48 -7.82
C GLN A 327 7.45 31.41 -8.27
N PHE A 328 7.70 30.17 -7.88
CA PHE A 328 6.71 29.12 -8.02
C PHE A 328 6.79 28.15 -6.84
N THR A 329 5.67 27.54 -6.51
CA THR A 329 5.65 26.59 -5.40
C THR A 329 5.51 25.16 -5.91
N LEU A 330 6.25 24.26 -5.29
CA LEU A 330 6.08 22.83 -5.54
C LEU A 330 5.53 22.15 -4.29
N PRO A 331 4.64 21.17 -4.48
CA PRO A 331 4.01 20.43 -3.37
C PRO A 331 5.08 19.81 -2.49
N GLY A 332 4.97 19.99 -1.18
CA GLY A 332 5.96 19.50 -0.25
C GLY A 332 5.53 18.20 0.40
N ARG A 333 4.24 17.92 0.33
CA ARG A 333 3.71 16.71 0.94
C ARG A 333 3.30 15.67 -0.10
N SER A 334 3.28 14.41 0.34
CA SER A 334 2.87 13.31 -0.52
C SER A 334 1.36 13.39 -0.74
N LEU A 335 0.91 13.11 -1.96
CA LEU A 335 -0.52 13.12 -2.23
C LEU A 335 -1.21 11.91 -1.60
N MET A 336 -2.24 12.16 -0.79
CA MET A 336 -2.80 11.10 0.03
C MET A 336 -3.96 10.35 -0.60
N PHE A 337 -3.85 9.02 -0.61
CA PHE A 337 -4.97 8.16 -0.91
C PHE A 337 -5.43 7.63 0.42
N VAL A 338 -6.63 7.06 0.46
CA VAL A 338 -7.01 6.29 1.62
C VAL A 338 -7.47 4.91 1.18
N ARG A 339 -6.97 3.87 1.84
CA ARG A 339 -7.50 2.52 1.63
C ARG A 339 -8.61 2.24 2.65
N ASN A 340 -9.86 2.23 2.18
CA ASN A 340 -11.00 1.80 3.01
C ASN A 340 -10.96 0.29 3.11
N VAL A 341 -11.68 -0.27 4.08
CA VAL A 341 -11.82 -1.73 4.12
C VAL A 341 -12.68 -2.16 2.94
N GLY A 342 -12.68 -3.46 2.64
CA GLY A 342 -13.45 -4.00 1.54
C GLY A 342 -14.86 -4.40 1.95
N HIS A 343 -15.50 -5.22 1.12
CA HIS A 343 -16.94 -5.54 1.25
C HIS A 343 -17.33 -6.52 2.35
N LEU A 344 -16.37 -7.13 3.05
CA LEU A 344 -16.72 -8.25 3.93
C LEU A 344 -17.30 -7.88 5.30
N MET A 345 -16.50 -7.17 6.10
CA MET A 345 -16.72 -7.12 7.52
C MET A 345 -17.81 -6.14 7.93
N THR A 346 -18.33 -6.35 9.13
CA THR A 346 -19.21 -5.40 9.78
C THR A 346 -18.45 -4.91 11.00
N ASN A 347 -18.91 -3.82 11.58
CA ASN A 347 -18.28 -3.22 12.73
C ASN A 347 -19.37 -2.58 13.62
N ASP A 348 -19.23 -2.69 14.93
CA ASP A 348 -20.27 -2.20 15.84
C ASP A 348 -20.32 -0.69 15.96
N ALA A 349 -19.51 0.02 15.17
CA ALA A 349 -19.55 1.48 15.18
C ALA A 349 -20.98 1.94 14.94
N ILE A 350 -21.71 1.19 14.12
CA ILE A 350 -23.15 1.39 13.97
C ILE A 350 -23.81 0.01 13.93
N VAL A 351 -24.91 -0.14 14.67
CA VAL A 351 -25.75 -1.32 14.57
C VAL A 351 -27.15 -0.88 14.15
N ASP A 352 -27.98 -1.81 13.70
CA ASP A 352 -29.37 -1.43 13.44
C ASP A 352 -30.27 -1.73 14.63
N THR A 353 -31.57 -1.57 14.42
CA THR A 353 -32.54 -1.77 15.48
C THR A 353 -32.48 -3.18 16.08
N ASP A 354 -32.20 -4.18 15.25
CA ASP A 354 -32.09 -5.55 15.78
C ASP A 354 -30.73 -5.90 16.39
N GLY A 355 -29.80 -4.94 16.41
CA GLY A 355 -28.52 -5.17 17.05
C GLY A 355 -27.44 -5.79 16.16
N SER A 356 -27.75 -5.95 14.88
CA SER A 356 -26.78 -6.50 13.95
C SER A 356 -25.91 -5.38 13.36
N GLU A 357 -24.62 -5.66 13.21
CA GLU A 357 -23.65 -4.64 12.79
C GLU A 357 -23.84 -4.18 11.34
N VAL A 358 -23.45 -2.93 11.07
CA VAL A 358 -23.55 -2.36 9.74
C VAL A 358 -22.26 -2.73 8.98
N PHE A 359 -22.36 -2.88 7.66
CA PHE A 359 -21.20 -3.21 6.82
C PHE A 359 -20.11 -2.15 6.91
N GLU A 360 -18.90 -2.58 7.26
CA GLU A 360 -17.83 -1.63 7.56
C GLU A 360 -17.31 -0.80 6.37
N GLY A 361 -17.39 -1.34 5.17
CA GLY A 361 -16.95 -0.63 3.99
C GLY A 361 -17.86 0.53 3.61
N ILE A 362 -19.17 0.30 3.73
CA ILE A 362 -20.12 1.36 3.47
C ILE A 362 -19.82 2.54 4.39
N MET A 363 -19.57 2.23 5.66
CA MET A 363 -19.25 3.26 6.64
C MET A 363 -18.00 4.06 6.25
N ASP A 364 -16.90 3.36 5.95
CA ASP A 364 -15.68 4.02 5.48
C ASP A 364 -15.92 4.97 4.32
N ALA A 365 -16.68 4.54 3.31
CA ALA A 365 -16.97 5.41 2.18
C ALA A 365 -17.60 6.76 2.61
N LEU A 366 -18.59 6.68 3.50
CA LEU A 366 -19.28 7.86 4.03
C LEU A 366 -18.35 8.75 4.86
N PHE A 367 -17.72 8.16 5.87
CA PHE A 367 -16.88 8.93 6.79
C PHE A 367 -15.54 9.38 6.22
N THR A 368 -14.80 8.50 5.53
CA THR A 368 -13.53 8.91 4.95
C THR A 368 -13.76 9.88 3.80
N GLY A 369 -14.86 9.68 3.06
CA GLY A 369 -15.25 10.63 2.02
C GLY A 369 -15.59 12.00 2.57
N LEU A 370 -16.35 12.03 3.68
CA LEU A 370 -16.76 13.28 4.30
C LEU A 370 -15.54 14.04 4.79
N ILE A 371 -14.68 13.31 5.50
CA ILE A 371 -13.47 13.90 6.06
C ILE A 371 -12.56 14.45 4.96
N ALA A 372 -12.55 13.79 3.80
CA ALA A 372 -11.66 14.18 2.72
C ALA A 372 -12.03 15.52 2.09
N ILE A 373 -13.24 16.00 2.38
CA ILE A 373 -13.69 17.30 1.90
C ILE A 373 -12.75 18.40 2.36
N HIS A 374 -12.27 18.28 3.60
CA HIS A 374 -11.39 19.28 4.20
C HIS A 374 -10.04 19.41 3.48
N GLY A 375 -9.68 18.37 2.72
CA GLY A 375 -8.42 18.39 2.02
C GLY A 375 -8.49 18.94 0.61
N LEU A 376 -9.68 19.38 0.20
CA LEU A 376 -9.87 19.97 -1.12
C LEU A 376 -9.74 21.50 -1.06
N LYS A 377 -9.42 22.00 0.13
CA LYS A 377 -9.53 23.42 0.41
C LYS A 377 -8.61 23.82 1.57
N ALA A 378 -8.18 25.08 1.55
CA ALA A 378 -7.40 25.66 2.63
C ALA A 378 -8.16 26.86 3.20
N SER A 379 -8.53 26.78 4.48
CA SER A 379 -9.27 27.84 5.16
C SER A 379 -9.08 27.70 6.66
N ASP A 380 -9.70 28.59 7.44
CA ASP A 380 -9.52 28.55 8.89
C ASP A 380 -10.34 27.42 9.52
N VAL A 381 -11.45 27.07 8.88
CA VAL A 381 -12.26 25.94 9.35
C VAL A 381 -11.82 24.61 8.70
N ASN A 382 -11.31 24.67 7.47
CA ASN A 382 -10.87 23.46 6.78
C ASN A 382 -9.41 23.09 7.06
N GLY A 383 -8.70 24.00 7.72
CA GLY A 383 -7.28 23.81 7.96
C GLY A 383 -6.45 24.35 6.81
N PRO A 384 -5.15 24.57 7.07
CA PRO A 384 -4.24 25.31 6.17
C PRO A 384 -3.70 24.55 4.96
N LEU A 385 -3.63 23.22 5.00
CA LEU A 385 -2.99 22.47 3.89
C LEU A 385 -3.97 21.68 3.00
N ILE A 386 -3.79 21.83 1.68
CA ILE A 386 -4.58 21.07 0.71
C ILE A 386 -3.89 19.77 0.27
N ASN A 387 -4.71 18.76 0.00
CA ASN A 387 -4.23 17.46 -0.50
C ASN A 387 -4.32 17.42 -2.02
N SER A 388 -5.48 17.01 -2.53
CA SER A 388 -5.75 17.02 -3.96
C SER A 388 -5.83 18.44 -4.47
N ARG A 389 -5.37 18.64 -5.69
CA ARG A 389 -5.28 19.96 -6.28
C ARG A 389 -6.28 20.08 -7.42
N THR A 390 -6.79 18.94 -7.87
CA THR A 390 -7.76 18.92 -8.96
C THR A 390 -9.15 18.62 -8.43
N GLY A 391 -9.28 18.57 -7.10
CA GLY A 391 -10.56 18.36 -6.45
C GLY A 391 -11.07 16.94 -6.50
N SER A 392 -10.19 15.98 -6.21
CA SER A 392 -10.58 14.57 -6.22
C SER A 392 -10.42 13.95 -4.83
N ILE A 393 -11.07 12.81 -4.63
CA ILE A 393 -10.90 12.05 -3.40
C ILE A 393 -10.50 10.63 -3.81
N TYR A 394 -9.34 10.17 -3.33
CA TYR A 394 -8.72 8.92 -3.83
C TYR A 394 -8.88 7.75 -2.87
N ILE A 395 -9.73 6.80 -3.24
CA ILE A 395 -10.01 5.67 -2.36
C ILE A 395 -9.61 4.34 -3.00
N VAL A 396 -8.61 3.71 -2.40
CA VAL A 396 -8.21 2.38 -2.80
C VAL A 396 -9.14 1.38 -2.11
N LYS A 397 -9.84 0.60 -2.93
CA LYS A 397 -10.75 -0.43 -2.47
C LYS A 397 -10.15 -1.84 -2.65
N PRO A 398 -9.86 -2.52 -1.53
CA PRO A 398 -9.21 -3.84 -1.51
C PRO A 398 -10.17 -5.03 -1.62
N LYS A 399 -9.61 -6.20 -1.95
CA LYS A 399 -10.32 -7.49 -1.90
C LYS A 399 -11.65 -7.57 -2.65
N MET A 400 -11.78 -6.88 -3.77
CA MET A 400 -12.96 -7.04 -4.58
C MET A 400 -12.89 -8.31 -5.45
N HIS A 401 -14.04 -8.96 -5.64
CA HIS A 401 -14.13 -10.16 -6.45
C HIS A 401 -15.01 -9.97 -7.68
N GLY A 402 -14.41 -9.72 -8.84
CA GLY A 402 -15.19 -9.64 -10.05
C GLY A 402 -15.83 -8.29 -10.28
N PRO A 403 -16.35 -8.07 -11.50
CA PRO A 403 -16.77 -6.75 -11.97
C PRO A 403 -18.04 -6.22 -11.29
N ALA A 404 -18.87 -7.11 -10.77
CA ALA A 404 -20.09 -6.71 -10.09
C ALA A 404 -19.80 -6.03 -8.75
N GLU A 405 -18.77 -6.49 -8.04
CA GLU A 405 -18.38 -5.84 -6.79
C GLU A 405 -17.66 -4.50 -7.06
N VAL A 406 -17.07 -4.35 -8.25
CA VAL A 406 -16.52 -3.06 -8.65
C VAL A 406 -17.64 -2.07 -8.95
N ALA A 407 -18.69 -2.54 -9.63
CA ALA A 407 -19.83 -1.71 -9.95
C ALA A 407 -20.57 -1.29 -8.69
N PHE A 408 -20.58 -2.16 -7.68
CA PHE A 408 -21.24 -1.87 -6.41
C PHE A 408 -20.47 -0.78 -5.67
N THR A 409 -19.15 -0.80 -5.80
CA THR A 409 -18.31 0.25 -5.25
C THR A 409 -18.59 1.61 -5.92
N CYS A 410 -18.73 1.60 -7.24
CA CYS A 410 -19.14 2.78 -8.01
C CYS A 410 -20.41 3.40 -7.46
N GLU A 411 -21.41 2.55 -7.29
CA GLU A 411 -22.72 2.95 -6.81
C GLU A 411 -22.65 3.49 -5.40
N LEU A 412 -21.88 2.83 -4.55
CA LEU A 412 -21.70 3.25 -3.18
C LEU A 412 -21.13 4.66 -3.17
N PHE A 413 -20.02 4.84 -3.87
CA PHE A 413 -19.37 6.13 -4.02
C PHE A 413 -20.35 7.20 -4.52
N SER A 414 -21.09 6.86 -5.57
CA SER A 414 -22.03 7.76 -6.21
C SER A 414 -23.09 8.23 -5.23
N ARG A 415 -23.58 7.29 -4.42
CA ARG A 415 -24.58 7.55 -3.40
C ARG A 415 -24.01 8.42 -2.27
N VAL A 416 -22.76 8.17 -1.90
CA VAL A 416 -22.07 8.94 -0.85
C VAL A 416 -21.89 10.39 -1.28
N GLU A 417 -21.59 10.58 -2.55
CA GLU A 417 -21.34 11.89 -3.12
C GLU A 417 -22.58 12.76 -3.10
N ASP A 418 -23.75 12.12 -3.19
CA ASP A 418 -25.01 12.83 -3.05
C ASP A 418 -25.27 13.32 -1.63
N VAL A 419 -25.09 12.42 -0.68
CA VAL A 419 -25.21 12.75 0.74
C VAL A 419 -24.23 13.86 1.12
N LEU A 420 -23.03 13.79 0.57
CA LEU A 420 -21.99 14.78 0.87
C LEU A 420 -22.17 16.08 0.08
N GLY A 421 -23.04 16.03 -0.93
CA GLY A 421 -23.24 17.14 -1.82
C GLY A 421 -22.03 17.43 -2.68
N LEU A 422 -21.40 16.38 -3.18
CA LEU A 422 -20.24 16.50 -4.05
C LEU A 422 -20.61 16.26 -5.49
N PRO A 423 -19.84 16.84 -6.43
CA PRO A 423 -20.13 16.51 -7.82
C PRO A 423 -19.88 15.01 -8.07
N GLN A 424 -20.62 14.41 -9.00
CA GLN A 424 -20.43 12.99 -9.30
C GLN A 424 -19.01 12.73 -9.81
N ASN A 425 -18.51 11.52 -9.52
CA ASN A 425 -17.14 11.09 -9.86
C ASN A 425 -16.03 11.82 -9.11
N THR A 426 -16.40 12.58 -8.08
CA THR A 426 -15.43 13.19 -7.18
C THR A 426 -14.56 12.09 -6.56
N MET A 427 -15.22 11.05 -6.08
CA MET A 427 -14.57 9.93 -5.39
C MET A 427 -14.04 8.89 -6.36
N LYS A 428 -12.74 8.95 -6.61
CA LYS A 428 -12.04 8.05 -7.54
C LYS A 428 -11.73 6.70 -6.92
N ILE A 429 -11.40 5.71 -7.74
CA ILE A 429 -11.24 4.37 -7.22
C ILE A 429 -9.93 3.68 -7.63
N GLY A 430 -9.22 3.17 -6.64
CA GLY A 430 -8.07 2.33 -6.93
C GLY A 430 -8.49 0.88 -6.84
N ILE A 431 -8.45 0.17 -7.96
CA ILE A 431 -8.83 -1.24 -8.00
C ILE A 431 -7.64 -2.14 -7.68
N MET A 432 -7.61 -2.69 -6.48
CA MET A 432 -6.60 -3.66 -6.14
C MET A 432 -6.92 -5.00 -6.75
N ASP A 433 -6.00 -5.49 -7.59
CA ASP A 433 -6.11 -6.81 -8.18
C ASP A 433 -5.45 -7.75 -7.19
N GLU A 434 -6.25 -8.36 -6.32
CA GLU A 434 -5.69 -9.25 -5.29
C GLU A 434 -6.56 -10.48 -5.02
N GLU A 435 -7.53 -10.70 -5.89
CA GLU A 435 -8.43 -11.84 -5.77
C GLU A 435 -8.56 -12.43 -7.15
N ARG A 436 -8.69 -13.75 -7.22
CA ARG A 436 -8.61 -14.47 -8.49
C ARG A 436 -9.76 -14.11 -9.44
N ARG A 437 -10.95 -13.94 -8.89
CA ARG A 437 -12.12 -13.62 -9.71
C ARG A 437 -12.04 -12.21 -10.31
N THR A 438 -11.21 -11.36 -9.71
CA THR A 438 -10.89 -10.08 -10.32
C THR A 438 -9.81 -10.27 -11.41
N THR A 439 -8.73 -10.97 -11.06
CA THR A 439 -7.64 -11.20 -12.04
C THR A 439 -8.17 -11.60 -13.40
N VAL A 440 -9.00 -12.64 -13.44
CA VAL A 440 -9.44 -13.25 -14.70
C VAL A 440 -10.59 -12.51 -15.36
N ASN A 441 -11.14 -11.54 -14.66
CA ASN A 441 -12.11 -10.62 -15.25
C ASN A 441 -11.61 -9.19 -15.19
N LEU A 442 -10.29 -8.99 -15.29
CA LEU A 442 -9.70 -7.69 -14.97
C LEU A 442 -10.20 -6.56 -15.86
N LYS A 443 -10.21 -6.81 -17.15
CA LYS A 443 -10.72 -5.86 -18.12
C LYS A 443 -12.16 -5.42 -17.81
N ALA A 444 -13.00 -6.38 -17.43
CA ALA A 444 -14.37 -6.06 -17.05
C ALA A 444 -14.43 -5.22 -15.78
N CYS A 445 -13.59 -5.56 -14.80
CA CYS A 445 -13.55 -4.84 -13.54
C CYS A 445 -13.14 -3.37 -13.72
N ILE A 446 -12.25 -3.12 -14.68
CA ILE A 446 -11.82 -1.76 -14.96
C ILE A 446 -12.92 -0.99 -15.68
N LYS A 447 -13.56 -1.70 -16.61
CA LYS A 447 -14.70 -1.19 -17.36
C LYS A 447 -15.85 -0.68 -16.45
N ALA A 448 -16.14 -1.43 -15.38
CA ALA A 448 -17.23 -1.05 -14.49
C ALA A 448 -16.93 0.23 -13.69
N ALA A 449 -15.67 0.62 -13.65
CA ALA A 449 -15.25 1.81 -12.92
C ALA A 449 -14.57 2.79 -13.85
N ALA A 450 -14.95 2.75 -15.13
CA ALA A 450 -14.19 3.43 -16.18
C ALA A 450 -14.12 4.95 -16.06
N ASP A 451 -15.06 5.55 -15.34
CA ASP A 451 -15.00 7.00 -15.15
C ASP A 451 -14.41 7.40 -13.79
N ARG A 452 -14.04 6.40 -12.99
CA ARG A 452 -13.57 6.66 -11.62
C ARG A 452 -12.19 6.10 -11.30
N VAL A 453 -11.70 5.18 -12.12
CA VAL A 453 -10.48 4.47 -11.76
C VAL A 453 -9.21 5.31 -11.94
N VAL A 454 -8.35 5.27 -10.93
CA VAL A 454 -7.09 6.01 -10.95
C VAL A 454 -5.88 5.13 -10.65
N PHE A 455 -6.13 3.84 -10.43
CA PHE A 455 -5.11 2.94 -9.86
C PHE A 455 -5.51 1.48 -10.00
N ILE A 456 -4.62 0.67 -10.57
CA ILE A 456 -4.65 -0.77 -10.34
C ILE A 456 -3.28 -1.21 -9.85
N ASN A 457 -3.23 -2.37 -9.21
CA ASN A 457 -1.97 -2.89 -8.69
C ASN A 457 -2.04 -4.36 -8.35
N THR A 458 -0.88 -4.93 -8.09
CA THR A 458 -0.78 -6.33 -7.78
C THR A 458 0.02 -6.47 -6.52
N GLY A 459 -0.08 -7.64 -5.89
CA GLY A 459 0.70 -7.92 -4.70
C GLY A 459 0.90 -9.41 -4.63
N PHE A 460 1.54 -9.86 -3.57
CA PHE A 460 1.79 -11.29 -3.41
C PHE A 460 0.85 -11.97 -2.44
N LEU A 461 0.64 -11.35 -1.27
CA LEU A 461 0.09 -12.05 -0.12
C LEU A 461 -1.39 -12.42 -0.26
N ASP A 462 -2.27 -11.42 -0.36
CA ASP A 462 -3.71 -11.67 -0.54
C ASP A 462 -4.06 -12.54 -1.75
N ARG A 463 -3.43 -12.24 -2.88
CA ARG A 463 -3.72 -12.95 -4.13
C ARG A 463 -3.36 -14.41 -4.02
N THR A 464 -2.26 -14.71 -3.35
CA THR A 464 -1.85 -16.11 -3.20
C THR A 464 -2.72 -16.83 -2.16
N GLY A 465 -3.20 -16.08 -1.16
CA GLY A 465 -4.16 -16.64 -0.21
C GLY A 465 -5.42 -17.13 -0.90
N ASP A 466 -5.97 -16.28 -1.76
CA ASP A 466 -7.17 -16.59 -2.55
C ASP A 466 -6.94 -17.70 -3.57
N GLU A 467 -5.75 -17.69 -4.17
CA GLU A 467 -5.37 -18.73 -5.12
C GLU A 467 -5.54 -20.07 -4.40
N ILE A 468 -4.93 -20.18 -3.24
CA ILE A 468 -4.98 -21.40 -2.46
C ILE A 468 -6.40 -21.77 -2.01
N HIS A 469 -7.16 -20.79 -1.56
CA HIS A 469 -8.52 -21.09 -1.07
C HIS A 469 -9.46 -21.53 -2.18
N THR A 470 -9.39 -20.84 -3.31
CA THR A 470 -10.27 -21.14 -4.42
C THR A 470 -10.10 -22.58 -4.91
N SER A 471 -8.86 -23.06 -4.88
CA SER A 471 -8.55 -24.39 -5.34
C SER A 471 -8.23 -25.33 -4.19
N MET A 472 -8.68 -24.98 -2.98
CA MET A 472 -8.44 -25.81 -1.80
C MET A 472 -8.61 -27.32 -1.97
N GLU A 473 -9.70 -27.73 -2.61
CA GLU A 473 -10.05 -29.14 -2.73
C GLU A 473 -9.27 -29.89 -3.82
N ALA A 474 -8.57 -29.14 -4.67
CA ALA A 474 -7.90 -29.71 -5.84
C ALA A 474 -6.74 -30.63 -5.48
N GLY A 475 -6.12 -30.38 -4.32
CA GLY A 475 -4.97 -31.13 -3.85
C GLY A 475 -3.99 -30.23 -3.12
N PRO A 476 -2.84 -30.77 -2.71
CA PRO A 476 -1.83 -29.97 -1.99
C PRO A 476 -1.13 -28.94 -2.87
N MET A 477 -0.80 -27.80 -2.30
CA MET A 477 -0.22 -26.69 -3.04
C MET A 477 1.28 -26.64 -2.80
N VAL A 478 2.01 -26.00 -3.69
CA VAL A 478 3.45 -25.83 -3.50
C VAL A 478 3.72 -24.92 -2.31
N ARG A 479 4.97 -24.92 -1.86
CA ARG A 479 5.39 -24.10 -0.73
C ARG A 479 5.25 -22.62 -1.06
N LYS A 480 5.15 -21.80 -0.02
CA LYS A 480 4.94 -20.36 -0.18
C LYS A 480 6.05 -19.71 -0.99
N GLY A 481 7.29 -20.02 -0.64
CA GLY A 481 8.44 -19.55 -1.40
C GLY A 481 8.32 -19.88 -2.88
N THR A 482 7.88 -21.11 -3.16
CA THR A 482 7.70 -21.59 -4.54
C THR A 482 6.62 -20.83 -5.31
N MET A 483 5.59 -20.37 -4.59
CA MET A 483 4.49 -19.63 -5.19
C MET A 483 4.92 -18.44 -6.00
N LYS A 484 5.97 -17.76 -5.54
CA LYS A 484 6.43 -16.51 -6.16
C LYS A 484 6.92 -16.68 -7.60
N SER A 485 7.22 -17.91 -8.00
CA SER A 485 7.68 -18.16 -9.37
C SER A 485 6.77 -19.09 -10.18
N GLN A 486 5.57 -19.36 -9.66
CA GLN A 486 4.63 -20.26 -10.34
C GLN A 486 4.02 -19.58 -11.57
N PRO A 487 3.60 -20.38 -12.57
CA PRO A 487 3.00 -19.86 -13.81
C PRO A 487 1.83 -18.87 -13.61
N TRP A 488 0.92 -19.14 -12.69
CA TRP A 488 -0.24 -18.26 -12.54
C TRP A 488 0.18 -16.85 -12.12
N ILE A 489 1.16 -16.77 -11.22
CA ILE A 489 1.50 -15.48 -10.63
C ILE A 489 2.33 -14.61 -11.57
N LEU A 490 3.15 -15.27 -12.38
CA LEU A 490 3.88 -14.58 -13.43
C LEU A 490 2.90 -14.05 -14.46
N ALA A 491 1.92 -14.87 -14.81
CA ALA A 491 0.88 -14.43 -15.74
C ALA A 491 0.03 -13.29 -15.17
N TYR A 492 -0.27 -13.39 -13.89
CA TYR A 492 -1.10 -12.40 -13.18
C TYR A 492 -0.45 -11.01 -13.20
N GLU A 493 0.86 -10.97 -12.98
CA GLU A 493 1.61 -9.72 -12.95
C GLU A 493 1.64 -9.03 -14.30
N ASP A 494 1.87 -9.81 -15.36
CA ASP A 494 1.89 -9.26 -16.70
C ASP A 494 0.49 -8.87 -17.16
N HIS A 495 -0.49 -9.71 -16.84
CA HIS A 495 -1.83 -9.49 -17.32
C HIS A 495 -2.43 -8.21 -16.71
N ASN A 496 -1.97 -7.85 -15.52
CA ASN A 496 -2.39 -6.60 -14.88
C ASN A 496 -1.90 -5.40 -15.68
N VAL A 497 -0.58 -5.31 -15.84
CA VAL A 497 0.02 -4.27 -16.66
C VAL A 497 -0.66 -4.19 -18.02
N ASP A 498 -0.89 -5.34 -18.65
CA ASP A 498 -1.50 -5.37 -19.98
C ASP A 498 -2.94 -4.81 -19.99
N ALA A 499 -3.81 -5.33 -19.11
CA ALA A 499 -5.17 -4.80 -19.00
C ALA A 499 -5.17 -3.29 -18.83
N GLY A 500 -4.30 -2.82 -17.92
CA GLY A 500 -4.18 -1.41 -17.64
C GLY A 500 -3.82 -0.56 -18.85
N LEU A 501 -2.68 -0.88 -19.46
CA LEU A 501 -2.20 -0.10 -20.60
C LEU A 501 -3.20 -0.12 -21.74
N ALA A 502 -3.90 -1.24 -21.90
CA ALA A 502 -4.94 -1.39 -22.93
C ALA A 502 -6.18 -0.53 -22.64
N ALA A 503 -6.37 -0.19 -21.37
CA ALA A 503 -7.49 0.65 -20.97
C ALA A 503 -7.09 2.12 -20.97
N GLY A 504 -5.86 2.38 -21.43
CA GLY A 504 -5.38 3.74 -21.60
C GLY A 504 -4.77 4.38 -20.37
N PHE A 505 -4.28 3.55 -19.46
CA PHE A 505 -3.74 4.02 -18.19
C PHE A 505 -2.51 4.91 -18.32
N SER A 506 -1.67 4.63 -19.32
CA SER A 506 -0.48 5.44 -19.55
C SER A 506 -0.89 6.91 -19.70
N GLY A 507 -0.34 7.77 -18.85
CA GLY A 507 -0.73 9.16 -18.85
C GLY A 507 -2.04 9.47 -18.14
N ARG A 508 -2.71 8.45 -17.59
CA ARG A 508 -4.01 8.67 -16.95
C ARG A 508 -4.16 8.11 -15.53
N ALA A 509 -3.64 6.90 -15.32
CA ALA A 509 -3.82 6.23 -14.03
C ALA A 509 -2.64 5.33 -13.69
N GLN A 510 -2.44 5.09 -12.40
CA GLN A 510 -1.28 4.32 -11.94
C GLN A 510 -1.38 2.82 -12.24
N VAL A 511 -0.26 2.21 -12.59
CA VAL A 511 -0.16 0.76 -12.64
C VAL A 511 0.89 0.39 -11.62
N GLY A 512 0.47 -0.29 -10.56
CA GLY A 512 1.36 -0.49 -9.42
C GLY A 512 1.73 -1.93 -9.15
N LYS A 513 2.85 -2.13 -8.48
CA LYS A 513 3.29 -3.46 -8.10
C LYS A 513 3.70 -3.47 -6.64
N GLY A 514 4.02 -4.66 -6.12
CA GLY A 514 4.05 -4.88 -4.68
C GLY A 514 5.17 -4.34 -3.80
N MET A 515 4.92 -4.46 -2.50
CA MET A 515 5.82 -4.01 -1.45
C MET A 515 7.18 -4.72 -1.40
N TRP A 516 8.23 -3.95 -1.19
CA TRP A 516 9.51 -4.51 -0.73
C TRP A 516 9.43 -4.62 0.79
N THR A 517 9.44 -5.85 1.30
CA THR A 517 9.13 -6.11 2.69
C THR A 517 10.37 -6.14 3.60
N MET A 518 11.55 -6.25 3.01
CA MET A 518 12.77 -6.36 3.82
C MET A 518 13.43 -5.01 4.11
N THR A 519 13.02 -4.43 5.22
CA THR A 519 13.28 -3.02 5.54
C THR A 519 14.73 -2.69 5.84
N GLU A 520 15.53 -3.70 6.21
CA GLU A 520 16.93 -3.49 6.53
C GLU A 520 17.85 -3.85 5.35
N LEU A 521 17.28 -4.44 4.32
CA LEU A 521 18.06 -4.93 3.20
C LEU A 521 17.90 -3.99 2.00
N MET A 522 18.49 -2.80 2.13
CA MET A 522 18.29 -1.74 1.16
C MET A 522 19.18 -1.88 -0.06
N ALA A 523 20.34 -2.51 0.13
CA ALA A 523 21.23 -2.78 -1.00
C ALA A 523 20.49 -3.68 -1.96
N ASP A 524 19.89 -4.76 -1.43
CA ASP A 524 19.10 -5.65 -2.26
C ASP A 524 17.92 -4.96 -2.93
N MET A 525 17.27 -4.02 -2.23
CA MET A 525 16.15 -3.31 -2.84
C MET A 525 16.64 -2.54 -4.06
N VAL A 526 17.71 -1.78 -3.88
CA VAL A 526 18.26 -1.00 -4.97
C VAL A 526 18.72 -1.89 -6.15
N GLU A 527 19.28 -3.03 -5.82
CA GLU A 527 19.71 -3.97 -6.85
C GLU A 527 18.53 -4.52 -7.67
N THR A 528 17.44 -4.89 -7.01
CA THR A 528 16.44 -5.72 -7.69
C THR A 528 15.08 -5.10 -7.95
N LYS A 529 14.66 -4.15 -7.11
CA LYS A 529 13.30 -3.59 -7.26
C LYS A 529 13.16 -2.83 -8.57
N ILE A 530 14.28 -2.57 -9.24
CA ILE A 530 14.26 -1.87 -10.52
C ILE A 530 13.48 -2.67 -11.56
N ALA A 531 13.23 -3.94 -11.24
CA ALA A 531 12.45 -4.80 -12.12
C ALA A 531 11.02 -4.31 -12.30
N GLN A 532 10.46 -3.68 -11.27
CA GLN A 532 9.06 -3.25 -11.38
C GLN A 532 8.83 -2.11 -12.38
N PRO A 533 9.57 -0.99 -12.27
CA PRO A 533 9.46 -0.04 -13.38
C PRO A 533 9.83 -0.64 -14.74
N ARG A 534 10.82 -1.54 -14.81
CA ARG A 534 11.20 -2.13 -16.10
C ARG A 534 10.05 -2.95 -16.68
N ALA A 535 9.13 -3.35 -15.82
CA ALA A 535 7.95 -4.11 -16.25
C ALA A 535 6.77 -3.18 -16.57
N GLY A 536 7.01 -1.87 -16.51
CA GLY A 536 6.03 -0.89 -16.92
C GLY A 536 5.08 -0.47 -15.82
N ALA A 537 5.50 -0.60 -14.57
CA ALA A 537 4.71 -0.14 -13.43
C ALA A 537 5.04 1.32 -13.19
N SER A 538 4.01 2.15 -13.09
CA SER A 538 4.22 3.57 -12.83
C SER A 538 4.45 3.85 -11.34
N THR A 539 4.23 2.84 -10.50
CA THR A 539 4.40 3.00 -9.07
C THR A 539 4.54 1.63 -8.41
N ALA A 540 5.14 1.59 -7.24
CA ALA A 540 5.26 0.36 -6.47
C ALA A 540 5.43 0.70 -4.99
N TRP A 541 5.11 -0.24 -4.12
CA TRP A 541 5.02 0.04 -2.68
C TRP A 541 6.38 -0.05 -1.96
N VAL A 542 6.65 0.94 -1.12
CA VAL A 542 7.84 0.97 -0.28
C VAL A 542 7.45 1.05 1.19
N PRO A 543 8.29 0.51 2.08
CA PRO A 543 7.87 0.36 3.48
C PRO A 543 8.27 1.51 4.41
N SER A 544 9.07 2.47 3.94
CA SER A 544 9.55 3.54 4.80
C SER A 544 9.96 4.72 3.96
N PRO A 545 10.06 5.92 4.57
CA PRO A 545 10.54 7.07 3.80
C PRO A 545 11.95 6.87 3.23
N THR A 546 12.80 6.15 3.97
CA THR A 546 14.16 5.88 3.49
C THR A 546 14.07 5.06 2.20
N ALA A 547 13.32 3.96 2.25
CA ALA A 547 13.07 3.13 1.09
C ALA A 547 12.49 3.91 -0.08
N ALA A 548 11.57 4.82 0.18
CA ALA A 548 10.99 5.64 -0.87
C ALA A 548 12.07 6.40 -1.64
N THR A 549 12.96 7.05 -0.90
CA THR A 549 14.07 7.79 -1.50
C THR A 549 14.99 6.90 -2.35
N LEU A 550 15.37 5.75 -1.82
CA LEU A 550 16.25 4.84 -2.55
C LEU A 550 15.56 4.29 -3.79
N HIS A 551 14.29 3.91 -3.65
CA HIS A 551 13.51 3.41 -4.79
C HIS A 551 13.30 4.48 -5.88
N ALA A 552 13.39 5.75 -5.49
CA ALA A 552 13.25 6.84 -6.47
C ALA A 552 14.39 6.80 -7.49
N LEU A 553 15.55 6.30 -7.07
CA LEU A 553 16.65 6.07 -8.00
C LEU A 553 16.19 5.27 -9.23
N HIS A 554 15.29 4.32 -9.04
CA HIS A 554 14.89 3.45 -10.13
C HIS A 554 14.09 4.16 -11.22
N TYR A 555 13.33 5.17 -10.84
CA TYR A 555 12.51 5.91 -11.78
C TYR A 555 13.37 6.87 -12.59
N HIS A 556 14.54 7.21 -12.06
CA HIS A 556 15.52 7.99 -12.81
C HIS A 556 16.28 7.14 -13.82
N GLN A 557 16.56 5.89 -13.47
CA GLN A 557 17.32 5.01 -14.34
C GLN A 557 16.40 4.35 -15.34
N VAL A 558 15.10 4.36 -15.06
CA VAL A 558 14.14 3.73 -15.96
C VAL A 558 13.06 4.70 -16.44
N ASP A 559 12.90 4.81 -17.75
CA ASP A 559 11.90 5.68 -18.35
C ASP A 559 10.56 4.96 -18.40
N VAL A 560 9.78 5.02 -17.32
CA VAL A 560 8.55 4.25 -17.25
C VAL A 560 7.58 4.56 -18.41
N ALA A 561 7.44 5.83 -18.77
CA ALA A 561 6.67 6.20 -19.95
C ALA A 561 7.11 5.46 -21.23
N ALA A 562 8.41 5.40 -21.47
CA ALA A 562 8.94 4.75 -22.68
C ALA A 562 8.63 3.25 -22.68
N VAL A 563 8.85 2.61 -21.54
CA VAL A 563 8.57 1.19 -21.39
C VAL A 563 7.09 0.91 -21.65
N GLN A 564 6.22 1.77 -21.11
CA GLN A 564 4.78 1.58 -21.26
C GLN A 564 4.29 1.62 -22.71
N GLN A 565 4.87 2.46 -23.55
CA GLN A 565 4.43 2.50 -24.93
C GLN A 565 5.01 1.33 -25.74
N GLY A 566 6.14 0.80 -25.30
CA GLY A 566 6.73 -0.36 -25.95
C GLY A 566 5.88 -1.59 -25.72
N LEU A 567 5.25 -1.66 -24.55
CA LEU A 567 4.40 -2.78 -24.19
C LEU A 567 3.02 -2.70 -24.80
N ALA A 568 2.70 -1.56 -25.41
CA ALA A 568 1.37 -1.31 -25.95
C ALA A 568 0.86 -2.39 -26.89
N GLY A 569 -0.36 -2.85 -26.65
CA GLY A 569 -1.03 -3.81 -27.51
C GLY A 569 -0.64 -5.27 -27.32
N LYS A 570 0.24 -5.54 -26.35
CA LYS A 570 0.73 -6.91 -26.19
C LYS A 570 -0.19 -7.73 -25.30
N ARG A 571 -0.35 -9.00 -25.65
CA ARG A 571 -1.16 -9.92 -24.86
C ARG A 571 -0.28 -11.03 -24.29
N ARG A 572 0.42 -10.71 -23.20
CA ARG A 572 1.43 -11.60 -22.66
C ARG A 572 0.93 -12.70 -21.73
N ALA A 573 -0.34 -12.65 -21.36
CA ALA A 573 -0.91 -13.76 -20.58
C ALA A 573 -2.09 -14.40 -21.29
N THR A 574 -2.17 -15.72 -21.20
CA THR A 574 -3.33 -16.47 -21.67
C THR A 574 -4.19 -16.79 -20.45
N ILE A 575 -5.46 -17.03 -20.72
CA ILE A 575 -6.39 -17.41 -19.67
C ILE A 575 -5.96 -18.76 -19.08
N GLU A 576 -5.39 -19.63 -19.91
CA GLU A 576 -4.90 -20.93 -19.43
C GLU A 576 -3.79 -20.79 -18.38
N GLN A 577 -2.89 -19.85 -18.61
CA GLN A 577 -1.79 -19.58 -17.68
C GLN A 577 -2.34 -19.00 -16.39
N LEU A 578 -3.36 -18.16 -16.51
CA LEU A 578 -3.97 -17.56 -15.32
C LEU A 578 -4.64 -18.63 -14.48
N LEU A 579 -5.19 -19.65 -15.15
CA LEU A 579 -5.98 -20.69 -14.50
C LEU A 579 -5.18 -21.92 -14.10
N THR A 580 -3.88 -21.87 -14.31
CA THR A 580 -3.02 -22.99 -13.93
C THR A 580 -2.84 -23.09 -12.43
N ILE A 581 -3.58 -24.01 -11.80
CA ILE A 581 -3.56 -24.16 -10.34
C ILE A 581 -2.22 -24.71 -9.84
N PRO A 582 -1.64 -24.05 -8.82
CA PRO A 582 -0.30 -24.44 -8.37
C PRO A 582 -0.23 -25.72 -7.53
N LEU A 583 -0.75 -26.83 -8.05
CA LEU A 583 -0.66 -28.12 -7.35
C LEU A 583 0.78 -28.58 -7.23
N ALA A 584 1.13 -29.15 -6.09
CA ALA A 584 2.45 -29.80 -5.97
C ALA A 584 2.47 -31.14 -6.73
N LYS A 585 3.64 -31.51 -7.22
CA LYS A 585 3.81 -32.79 -7.90
C LYS A 585 3.88 -33.94 -6.90
N GLU A 586 4.03 -35.16 -7.42
CA GLU A 586 4.12 -36.33 -6.57
C GLU A 586 5.49 -36.34 -5.88
N LEU A 587 5.57 -37.01 -4.74
CA LEU A 587 6.81 -37.10 -3.94
C LEU A 587 7.24 -35.73 -3.42
N ALA A 588 7.53 -34.81 -4.34
CA ALA A 588 7.73 -33.39 -4.03
C ALA A 588 8.71 -33.07 -2.89
N TRP A 589 8.38 -33.51 -1.67
CA TRP A 589 9.11 -33.07 -0.49
C TRP A 589 9.59 -34.20 0.42
N ALA A 590 10.69 -33.94 1.11
CA ALA A 590 11.17 -34.82 2.17
C ALA A 590 10.68 -34.27 3.51
N PRO A 591 10.50 -35.16 4.51
CA PRO A 591 10.06 -34.81 5.86
C PRO A 591 10.65 -33.50 6.39
N ASP A 592 11.96 -33.35 6.34
CA ASP A 592 12.63 -32.14 6.84
C ASP A 592 12.17 -30.86 6.15
N GLU A 593 11.88 -30.97 4.86
CA GLU A 593 11.38 -29.83 4.11
C GLU A 593 9.96 -29.45 4.55
N ILE A 594 9.16 -30.47 4.84
CA ILE A 594 7.78 -30.28 5.25
C ILE A 594 7.77 -29.57 6.59
N ARG A 595 8.50 -30.11 7.55
CA ARG A 595 8.61 -29.51 8.89
C ARG A 595 9.08 -28.05 8.79
N GLU A 596 10.02 -27.81 7.89
CA GLU A 596 10.59 -26.48 7.72
C GLU A 596 9.56 -25.47 7.23
N GLU A 597 8.70 -25.92 6.31
CA GLU A 597 7.63 -25.10 5.78
C GLU A 597 6.55 -24.83 6.84
N VAL A 598 6.25 -25.84 7.64
CA VAL A 598 5.24 -25.68 8.70
C VAL A 598 5.74 -24.67 9.72
N ASP A 599 6.97 -24.88 10.19
CA ASP A 599 7.61 -23.98 11.13
C ASP A 599 7.63 -22.55 10.64
N ASN A 600 7.98 -22.36 9.37
CA ASN A 600 8.06 -21.02 8.82
C ASN A 600 6.69 -20.34 8.80
N ASN A 601 5.66 -21.12 8.53
CA ASN A 601 4.30 -20.58 8.46
C ASN A 601 3.72 -20.34 9.85
N CYS A 602 4.06 -21.21 10.79
CA CYS A 602 3.57 -21.03 12.15
C CYS A 602 4.28 -19.86 12.81
N GLN A 603 5.51 -19.59 12.38
CA GLN A 603 6.22 -18.44 12.92
C GLN A 603 5.67 -17.16 12.35
N SER A 604 5.29 -17.20 11.08
CA SER A 604 4.74 -16.03 10.40
C SER A 604 3.41 -15.63 11.07
N ILE A 605 2.55 -16.61 11.30
CA ILE A 605 1.27 -16.35 11.92
C ILE A 605 1.45 -15.86 13.35
N LEU A 606 2.10 -16.67 14.18
CA LEU A 606 2.43 -16.30 15.56
C LEU A 606 3.10 -14.96 15.69
N GLY A 607 4.08 -14.69 14.83
CA GLY A 607 4.85 -13.46 14.90
C GLY A 607 4.01 -12.21 14.66
N TYR A 608 3.09 -12.30 13.71
CA TYR A 608 2.22 -11.18 13.39
C TYR A 608 1.02 -11.12 14.36
N VAL A 609 0.47 -12.30 14.65
CA VAL A 609 -0.76 -12.39 15.46
C VAL A 609 -0.57 -11.89 16.89
N VAL A 610 0.60 -12.14 17.47
CA VAL A 610 0.81 -11.79 18.87
C VAL A 610 0.79 -10.27 19.07
N ARG A 611 1.26 -9.52 18.09
CA ARG A 611 1.27 -8.06 18.18
C ARG A 611 -0.06 -7.42 17.78
N TRP A 612 -0.75 -8.07 16.85
CA TRP A 612 -2.09 -7.66 16.44
C TRP A 612 -3.07 -7.81 17.62
N VAL A 613 -3.18 -9.03 18.12
CA VAL A 613 -4.13 -9.38 19.17
C VAL A 613 -3.79 -8.75 20.52
N ASP A 614 -2.51 -8.80 20.92
CA ASP A 614 -2.14 -8.29 22.24
C ASP A 614 -1.90 -6.77 22.30
N GLN A 615 -1.61 -6.16 21.17
CA GLN A 615 -1.25 -4.74 21.19
C GLN A 615 -1.90 -3.90 20.10
N GLY A 616 -2.76 -4.51 19.29
CA GLY A 616 -3.46 -3.78 18.24
C GLY A 616 -2.53 -3.10 17.26
N VAL A 617 -1.41 -3.78 16.98
CA VAL A 617 -0.46 -3.34 15.98
C VAL A 617 -0.58 -4.20 14.71
N GLY A 618 -0.84 -3.56 13.58
CA GLY A 618 -0.99 -4.29 12.34
C GLY A 618 0.18 -4.14 11.38
N ALA A 619 1.06 -3.19 11.64
CA ALA A 619 2.24 -2.99 10.79
C ALA A 619 3.47 -2.71 11.63
N SER A 620 4.47 -3.57 11.51
CA SER A 620 5.73 -3.37 12.21
C SER A 620 6.85 -4.21 11.61
N LYS A 621 8.06 -4.02 12.12
CA LYS A 621 9.19 -4.80 11.65
C LYS A 621 9.23 -6.13 12.39
N VAL A 622 8.60 -7.13 11.81
CA VAL A 622 8.55 -8.44 12.46
C VAL A 622 9.66 -9.31 11.94
N PRO A 623 10.59 -9.71 12.83
CA PRO A 623 11.62 -10.63 12.37
C PRO A 623 11.03 -11.98 12.02
N ASP A 624 11.42 -12.53 10.87
CA ASP A 624 10.98 -13.88 10.50
C ASP A 624 11.84 -14.95 11.19
N ILE A 625 11.52 -16.21 10.90
CA ILE A 625 12.19 -17.35 11.52
C ILE A 625 13.73 -17.33 11.40
N HIS A 626 14.26 -16.53 10.46
CA HIS A 626 15.71 -16.30 10.35
C HIS A 626 16.10 -14.90 10.81
N ASP A 627 15.26 -14.31 11.65
CA ASP A 627 15.51 -12.99 12.25
C ASP A 627 15.68 -11.84 11.24
N VAL A 628 15.14 -12.01 10.04
CA VAL A 628 15.10 -10.94 9.06
C VAL A 628 13.87 -10.06 9.29
N ALA A 629 14.07 -8.75 9.33
CA ALA A 629 12.99 -7.79 9.53
C ALA A 629 12.06 -7.68 8.31
N LEU A 630 10.80 -8.08 8.49
CA LEU A 630 9.80 -7.96 7.42
C LEU A 630 8.68 -6.98 7.80
N MET A 631 8.20 -6.23 6.81
CA MET A 631 7.11 -5.29 6.99
C MET A 631 5.94 -5.74 6.12
N GLU A 632 5.19 -6.72 6.61
CA GLU A 632 4.01 -7.24 5.90
C GLU A 632 2.74 -6.80 6.63
N ASP A 633 1.64 -6.66 5.89
CA ASP A 633 0.35 -6.42 6.50
C ASP A 633 -0.37 -7.74 6.77
N ARG A 634 -1.59 -7.64 7.29
CA ARG A 634 -2.38 -8.78 7.73
C ARG A 634 -2.53 -9.92 6.71
N ALA A 635 -2.40 -9.60 5.43
CA ALA A 635 -2.52 -10.63 4.42
C ALA A 635 -1.45 -11.75 4.53
N THR A 636 -0.35 -11.47 5.24
CA THR A 636 0.55 -12.55 5.64
C THR A 636 -0.21 -13.65 6.39
N LEU A 637 -1.18 -13.27 7.22
CA LEU A 637 -1.99 -14.26 7.91
C LEU A 637 -2.77 -15.18 6.96
N ARG A 638 -3.35 -14.59 5.92
CA ARG A 638 -4.22 -15.30 5.00
C ARG A 638 -3.46 -16.34 4.17
N ILE A 639 -2.34 -15.93 3.61
CA ILE A 639 -1.53 -16.86 2.80
C ILE A 639 -0.98 -17.99 3.65
N SER A 640 -0.43 -17.65 4.82
CA SER A 640 0.15 -18.67 5.68
C SER A 640 -0.89 -19.63 6.23
N SER A 641 -2.03 -19.11 6.69
CA SER A 641 -3.03 -20.01 7.26
C SER A 641 -3.69 -20.89 6.20
N GLN A 642 -3.86 -20.36 5.00
CA GLN A 642 -4.47 -21.13 3.93
C GLN A 642 -3.58 -22.27 3.42
N LEU A 643 -2.28 -21.99 3.32
CA LEU A 643 -1.31 -23.02 2.90
C LEU A 643 -1.34 -24.21 3.85
N LEU A 644 -1.30 -23.93 5.15
CA LEU A 644 -1.33 -24.99 6.16
C LEU A 644 -2.65 -25.74 6.22
N ALA A 645 -3.75 -25.00 6.07
CA ALA A 645 -5.07 -25.59 6.04
C ALA A 645 -5.17 -26.50 4.81
N ASN A 646 -4.57 -26.07 3.72
CA ASN A 646 -4.51 -26.88 2.49
C ASN A 646 -3.69 -28.15 2.72
N TRP A 647 -2.52 -28.01 3.31
CA TRP A 647 -1.69 -29.16 3.62
C TRP A 647 -2.35 -30.09 4.62
N LEU A 648 -3.12 -29.50 5.53
CA LEU A 648 -3.84 -30.26 6.53
C LEU A 648 -4.94 -31.05 5.85
N ARG A 649 -5.69 -30.39 4.99
CA ARG A 649 -6.85 -30.98 4.34
C ARG A 649 -6.48 -32.22 3.51
N HIS A 650 -5.32 -32.20 2.88
CA HIS A 650 -4.92 -33.32 2.04
C HIS A 650 -3.94 -34.28 2.71
N GLY A 651 -3.87 -34.24 4.04
CA GLY A 651 -3.08 -35.20 4.78
C GLY A 651 -1.57 -35.15 4.51
N VAL A 652 -1.08 -33.99 4.07
CA VAL A 652 0.36 -33.77 3.99
C VAL A 652 0.91 -33.65 5.41
N ILE A 653 0.13 -33.02 6.28
CA ILE A 653 0.48 -32.84 7.68
C ILE A 653 -0.76 -33.11 8.56
N THR A 654 -0.57 -33.17 9.87
CA THR A 654 -1.69 -33.40 10.79
C THR A 654 -1.90 -32.23 11.74
N SER A 655 -3.00 -32.28 12.49
CA SER A 655 -3.34 -31.23 13.43
C SER A 655 -2.31 -31.18 14.56
N ALA A 656 -1.86 -32.37 14.97
CA ALA A 656 -0.82 -32.51 15.99
C ALA A 656 0.54 -31.97 15.51
N ASP A 657 0.82 -32.11 14.21
CA ASP A 657 2.02 -31.51 13.63
C ASP A 657 1.95 -30.00 13.76
N VAL A 658 0.79 -29.45 13.41
CA VAL A 658 0.57 -28.02 13.49
C VAL A 658 0.70 -27.51 14.93
N ARG A 659 0.13 -28.24 15.88
CA ARG A 659 0.21 -27.83 17.29
C ARG A 659 1.67 -27.94 17.79
N ALA A 660 2.31 -29.07 17.51
CA ALA A 660 3.71 -29.25 17.86
C ALA A 660 4.56 -28.11 17.29
N SER A 661 4.27 -27.72 16.06
CA SER A 661 4.97 -26.60 15.46
C SER A 661 4.68 -25.27 16.18
N LEU A 662 3.40 -24.96 16.43
CA LEU A 662 3.04 -23.75 17.15
C LEU A 662 3.72 -23.69 18.52
N GLU A 663 3.81 -24.83 19.18
CA GLU A 663 4.50 -24.88 20.46
C GLU A 663 6.02 -24.69 20.33
N ARG A 664 6.61 -25.24 19.27
CA ARG A 664 8.03 -25.03 19.03
C ARG A 664 8.29 -23.56 18.70
N MET A 665 7.42 -22.98 17.87
CA MET A 665 7.68 -21.64 17.38
C MET A 665 7.47 -20.54 18.42
N ALA A 666 6.44 -20.69 19.25
CA ALA A 666 6.07 -19.70 20.26
C ALA A 666 7.21 -19.07 21.10
N PRO A 667 8.10 -19.91 21.70
CA PRO A 667 9.17 -19.30 22.51
C PRO A 667 10.16 -18.48 21.69
N LEU A 668 10.33 -18.79 20.41
CA LEU A 668 11.21 -17.99 19.56
C LEU A 668 10.59 -16.62 19.33
N VAL A 669 9.30 -16.61 19.04
CA VAL A 669 8.57 -15.36 18.85
C VAL A 669 8.65 -14.56 20.13
N ASP A 670 8.53 -15.25 21.25
CA ASP A 670 8.65 -14.60 22.56
C ASP A 670 10.01 -13.91 22.67
N ARG A 671 11.10 -14.66 22.52
CA ARG A 671 12.42 -14.04 22.64
C ARG A 671 12.70 -12.99 21.55
N GLN A 672 12.05 -13.12 20.39
CA GLN A 672 12.14 -12.08 19.37
C GLN A 672 11.48 -10.75 19.75
N ASN A 673 10.63 -10.78 20.79
CA ASN A 673 10.03 -9.56 21.30
C ASN A 673 10.58 -9.20 22.66
N ALA A 674 11.84 -9.50 22.90
CA ALA A 674 12.46 -9.29 24.22
C ALA A 674 12.57 -7.82 24.60
N GLY A 675 12.81 -6.95 23.62
CA GLY A 675 12.97 -5.53 23.89
C GLY A 675 11.67 -4.78 24.16
N ASP A 676 10.62 -5.51 24.52
CA ASP A 676 9.29 -4.91 24.69
C ASP A 676 8.75 -5.08 26.09
N VAL A 677 8.41 -3.97 26.73
CA VAL A 677 7.87 -4.00 28.08
C VAL A 677 6.41 -4.46 28.11
N ALA A 678 5.64 -4.02 27.12
CA ALA A 678 4.23 -4.36 27.04
C ALA A 678 3.97 -5.76 26.49
N TYR A 679 5.03 -6.42 26.01
CA TYR A 679 4.89 -7.77 25.47
C TYR A 679 4.62 -8.77 26.58
N ARG A 680 3.71 -9.70 26.31
CA ARG A 680 3.40 -10.79 27.23
C ARG A 680 3.71 -12.10 26.52
N PRO A 681 4.52 -12.96 27.16
CA PRO A 681 4.96 -14.23 26.57
C PRO A 681 3.80 -15.19 26.31
N MET A 682 3.91 -15.95 25.22
CA MET A 682 2.95 -17.01 24.91
C MET A 682 3.36 -18.34 25.54
N ALA A 683 4.66 -18.56 25.67
CA ALA A 683 5.15 -19.77 26.33
C ALA A 683 5.36 -19.49 27.82
N PRO A 684 5.21 -20.53 28.66
CA PRO A 684 4.81 -21.90 28.32
C PRO A 684 3.31 -22.17 28.53
N ASN A 685 2.56 -21.17 28.98
CA ASN A 685 1.13 -21.32 29.19
C ASN A 685 0.33 -21.09 27.91
N PHE A 686 0.46 -22.01 26.95
CA PHE A 686 -0.10 -21.85 25.60
C PHE A 686 -1.61 -21.67 25.56
N ASP A 687 -2.35 -22.66 26.04
CA ASP A 687 -3.82 -22.62 26.03
C ASP A 687 -4.44 -21.45 26.82
N ASP A 688 -3.63 -20.56 27.37
CA ASP A 688 -4.15 -19.38 28.08
C ASP A 688 -3.70 -18.06 27.47
N SER A 689 -3.21 -18.13 26.24
CA SER A 689 -2.83 -16.94 25.49
C SER A 689 -3.84 -16.72 24.35
N ILE A 690 -4.57 -15.61 24.41
CA ILE A 690 -5.54 -15.28 23.37
C ILE A 690 -4.85 -15.23 22.00
N ALA A 691 -3.68 -14.60 21.94
CA ALA A 691 -2.85 -14.59 20.74
C ALA A 691 -2.60 -16.01 20.22
N PHE A 692 -2.05 -16.88 21.07
CA PHE A 692 -1.81 -18.28 20.72
C PHE A 692 -3.05 -19.01 20.20
N LEU A 693 -4.16 -18.92 20.94
CA LEU A 693 -5.40 -19.55 20.50
C LEU A 693 -5.90 -18.97 19.18
N ALA A 694 -5.65 -17.68 18.96
CA ALA A 694 -6.01 -17.02 17.71
C ALA A 694 -5.21 -17.61 16.55
N ALA A 695 -3.92 -17.77 16.78
CA ALA A 695 -3.02 -18.33 15.76
C ALA A 695 -3.42 -19.76 15.41
N GLN A 696 -3.72 -20.57 16.43
CA GLN A 696 -4.11 -21.96 16.23
C GLN A 696 -5.45 -22.04 15.48
N GLU A 697 -6.39 -21.17 15.84
CA GLU A 697 -7.70 -21.19 15.20
C GLU A 697 -7.62 -20.77 13.73
N LEU A 698 -6.85 -19.73 13.45
CA LEU A 698 -6.62 -19.28 12.07
C LEU A 698 -6.23 -20.44 11.15
N ILE A 699 -5.52 -21.42 11.69
CA ILE A 699 -5.13 -22.57 10.89
C ILE A 699 -6.15 -23.72 10.88
N LEU A 700 -6.50 -24.26 12.06
CA LEU A 700 -7.38 -25.41 12.13
C LEU A 700 -8.81 -25.12 11.62
N SER A 701 -9.18 -23.85 11.61
CA SER A 701 -10.48 -23.44 11.06
C SER A 701 -10.32 -22.71 9.73
N GLY A 702 -9.08 -22.61 9.25
CA GLY A 702 -8.77 -21.82 8.07
C GLY A 702 -9.60 -22.15 6.84
N ALA A 703 -9.79 -23.45 6.60
CA ALA A 703 -10.49 -23.92 5.42
C ALA A 703 -11.99 -23.59 5.41
N GLN A 704 -12.56 -23.35 6.59
CA GLN A 704 -13.98 -23.03 6.67
CA GLN A 704 -13.98 -23.04 6.66
C GLN A 704 -14.25 -21.56 6.43
N GLN A 705 -13.22 -20.72 6.57
CA GLN A 705 -13.42 -19.27 6.46
C GLN A 705 -13.82 -18.83 5.05
N PRO A 706 -14.62 -17.77 4.96
CA PRO A 706 -15.07 -17.29 3.65
C PRO A 706 -13.89 -16.78 2.84
N ASN A 707 -13.57 -17.47 1.74
CA ASN A 707 -12.44 -17.11 0.91
C ASN A 707 -11.12 -17.04 1.68
N GLY A 708 -11.04 -17.80 2.77
CA GLY A 708 -9.84 -17.79 3.59
C GLY A 708 -9.56 -16.51 4.36
N TYR A 709 -10.53 -15.60 4.42
CA TYR A 709 -10.31 -14.33 5.12
C TYR A 709 -10.09 -14.55 6.61
N THR A 710 -9.15 -13.79 7.19
CA THR A 710 -8.77 -13.99 8.57
C THR A 710 -9.47 -13.04 9.57
N GLU A 711 -10.05 -11.94 9.08
CA GLU A 711 -10.69 -10.93 9.95
C GLU A 711 -11.74 -11.44 10.95
N PRO A 712 -12.68 -12.31 10.50
CA PRO A 712 -13.68 -12.83 11.44
C PRO A 712 -13.08 -13.39 12.72
N ILE A 713 -12.11 -14.28 12.58
CA ILE A 713 -11.43 -14.83 13.74
C ILE A 713 -10.57 -13.76 14.44
N LEU A 714 -9.86 -12.96 13.66
CA LEU A 714 -8.91 -12.00 14.21
C LEU A 714 -9.61 -10.91 15.01
N HIS A 715 -10.65 -10.32 14.43
CA HIS A 715 -11.37 -9.25 15.12
C HIS A 715 -11.95 -9.74 16.43
N ARG A 716 -12.47 -10.97 16.40
CA ARG A 716 -13.12 -11.56 17.57
C ARG A 716 -12.15 -11.82 18.72
N ARG A 717 -10.93 -12.21 18.37
CA ARG A 717 -9.88 -12.47 19.36
C ARG A 717 -9.33 -11.17 19.95
N ARG A 718 -9.21 -10.14 19.11
CA ARG A 718 -8.82 -8.83 19.57
C ARG A 718 -9.92 -8.26 20.49
N ARG A 719 -11.17 -8.47 20.11
CA ARG A 719 -12.29 -8.07 20.96
CA ARG A 719 -12.28 -8.05 20.96
C ARG A 719 -12.20 -8.79 22.29
N GLU A 720 -11.98 -10.11 22.22
CA GLU A 720 -11.84 -10.92 23.42
C GLU A 720 -10.72 -10.41 24.35
N PHE A 721 -9.57 -10.07 23.75
CA PHE A 721 -8.43 -9.57 24.52
C PHE A 721 -8.73 -8.23 25.18
N LYS A 722 -9.33 -7.32 24.42
CA LYS A 722 -9.67 -5.99 24.94
C LYS A 722 -10.71 -6.11 26.05
N ALA A 723 -11.55 -7.14 25.95
CA ALA A 723 -12.60 -7.37 26.94
C ALA A 723 -11.99 -7.83 28.26
N ARG A 724 -10.97 -8.67 28.18
CA ARG A 724 -10.34 -9.16 29.39
C ARG A 724 -9.45 -8.08 30.01
N ALA A 725 -9.10 -7.09 29.19
CA ALA A 725 -8.32 -5.96 29.66
C ALA A 725 -9.22 -4.91 30.29
N ALA A 726 -10.53 -5.16 30.27
CA ALA A 726 -11.50 -4.25 30.88
C ALA A 726 -11.64 -4.52 32.38
N GLU A 727 -10.83 -5.45 32.88
CA GLU A 727 -10.80 -5.77 34.31
C GLU A 727 -9.38 -5.94 34.82
MG MG B . -4.24 -7.16 0.29
MG MG C . -16.33 -22.75 2.03
MG MG D . 15.26 9.58 -20.46
CL1 5LA E . 1.54 -0.12 6.22
C02 5LA E . 1.89 -1.51 5.27
C03 5LA E . 1.16 -2.03 4.25
C04 5LA E . 1.67 -3.18 3.63
C05 5LA E . 1.47 -4.14 2.64
C06 5LA E . 2.48 -5.06 2.61
C07 5LA E . 2.73 -6.29 1.74
O08 5LA E . 3.68 -7.07 2.07
O09 5LA E . 1.97 -6.49 0.73
N10 5LA E . 3.37 -4.68 3.65
C11 5LA E . 2.93 -3.56 4.30
S12 5LA E . 3.32 -2.45 5.55
#